data_1POK
#
_entry.id   1POK
#
_cell.length_a   117.475
_cell.length_b   117.475
_cell.length_c   137.955
_cell.angle_alpha   90.00
_cell.angle_beta   90.00
_cell.angle_gamma   90.00
#
_symmetry.space_group_name_H-M   'P 4 21 2'
#
loop_
_entity.id
_entity.type
_entity.pdbx_description
1 polymer 'Isoaspartyl dipeptidase'
2 non-polymer 'SULFATE ION'
3 non-polymer 'ZINC ION'
4 non-polymer ASPARAGINE
5 water water
#
_entity_poly.entity_id   1
_entity_poly.type   'polypeptide(L)'
_entity_poly.pdbx_seq_one_letter_code
;MIDYTAAGFTLLQGAHLYAPEDRGICDVLVANGKIIAVASNIPSDIVPNCTVVDLSGQILCPGFIDQHVHLIGGGGEAGP
TTRTPEVALSRLTEAGVTSVVGLLGTDSISRHPESLLAKTRALNEEGISAWMLTGAYHVPSRTITGSVEKDVAIIDRVIG
V(KCX)CAISDHRSAAPDVYHLANMAAESRVGGLLGGKPGVTVFHMGDSKKALQPIYDLLENCDVPISKLLPTHVNRNVP
LFEQALEFARKGGTIDITSSIDEPVAPAEGIARAVQAGIPLARVTLSSDGNGSQPFFDDEGNLTHIGVAGFETLLETVQV
LVKDYDFSISDALRPLTSSVAGFLNLTGKGEILPGNDADLLVMTPELRIEQVYARGKLMVKDGKACVKGTFETA
;
_entity_poly.pdbx_strand_id   B,A
#
# COMPACT_ATOMS: atom_id res chain seq x y z
N MET A 1 -1.80 -29.15 -68.09
CA MET A 1 -0.44 -28.64 -68.45
C MET A 1 0.64 -29.34 -67.65
N ILE A 2 1.89 -29.12 -68.03
CA ILE A 2 3.02 -29.72 -67.32
C ILE A 2 3.63 -28.69 -66.39
N ASP A 3 4.24 -29.15 -65.31
CA ASP A 3 4.83 -28.28 -64.31
C ASP A 3 6.33 -28.04 -64.51
N TYR A 4 6.71 -26.80 -64.79
CA TYR A 4 8.12 -26.44 -65.01
C TYR A 4 8.64 -25.43 -64.00
N THR A 5 7.81 -25.05 -63.04
CA THR A 5 8.20 -24.07 -62.04
C THR A 5 9.38 -24.51 -61.19
N ALA A 6 9.78 -25.78 -61.34
CA ALA A 6 10.90 -26.28 -60.56
C ALA A 6 12.15 -25.52 -60.99
N ALA A 7 12.18 -25.08 -62.25
CA ALA A 7 13.32 -24.34 -62.78
C ALA A 7 13.33 -22.88 -62.33
N GLY A 8 12.22 -22.43 -61.75
CA GLY A 8 12.12 -21.05 -61.29
C GLY A 8 12.62 -20.05 -62.32
N PHE A 9 12.03 -20.08 -63.52
CA PHE A 9 12.43 -19.18 -64.59
C PHE A 9 12.04 -17.75 -64.33
N THR A 10 13.01 -16.84 -64.44
CA THR A 10 12.75 -15.43 -64.24
C THR A 10 13.48 -14.59 -65.29
N LEU A 11 12.77 -13.62 -65.87
CA LEU A 11 13.34 -12.77 -66.89
C LEU A 11 13.29 -11.28 -66.53
N LEU A 12 14.46 -10.71 -66.32
CA LEU A 12 14.59 -9.30 -65.97
C LEU A 12 14.77 -8.52 -67.27
N GLN A 13 13.71 -7.89 -67.77
CA GLN A 13 13.84 -7.18 -69.04
C GLN A 13 13.73 -5.66 -69.08
N GLY A 14 14.39 -5.11 -70.08
CA GLY A 14 14.36 -3.68 -70.32
C GLY A 14 15.06 -2.79 -69.32
N ALA A 15 16.11 -3.28 -68.69
CA ALA A 15 16.82 -2.47 -67.72
C ALA A 15 18.16 -2.07 -68.30
N HIS A 16 18.72 -0.99 -67.76
CA HIS A 16 20.03 -0.51 -68.21
C HIS A 16 21.06 -1.32 -67.42
N LEU A 17 21.48 -2.44 -68.01
CA LEU A 17 22.41 -3.38 -67.41
C LEU A 17 23.88 -2.95 -67.32
N TYR A 18 24.42 -2.97 -66.10
CA TYR A 18 25.83 -2.64 -65.83
C TYR A 18 26.35 -3.94 -65.20
N ALA A 19 27.26 -4.65 -65.87
CA ALA A 19 27.72 -5.95 -65.35
C ALA A 19 29.12 -6.21 -64.78
N PRO A 20 29.83 -5.19 -64.29
CA PRO A 20 29.53 -3.76 -64.18
C PRO A 20 29.73 -2.98 -65.49
N GLU A 21 30.61 -3.47 -66.36
CA GLU A 21 30.88 -2.80 -67.64
C GLU A 21 29.59 -2.46 -68.37
N ASP A 22 29.37 -1.16 -68.52
CA ASP A 22 28.17 -0.62 -69.16
C ASP A 22 27.76 -1.22 -70.49
N ARG A 23 26.70 -2.01 -70.44
CA ARG A 23 26.14 -2.60 -71.63
C ARG A 23 24.97 -1.64 -71.86
N GLY A 24 24.03 -1.99 -72.72
CA GLY A 24 22.92 -1.09 -72.96
C GLY A 24 21.68 -1.48 -72.19
N ILE A 25 20.56 -1.53 -72.89
CA ILE A 25 19.31 -1.96 -72.28
C ILE A 25 19.31 -3.45 -72.56
N CYS A 26 19.85 -4.22 -71.63
CA CYS A 26 19.96 -5.66 -71.82
C CYS A 26 18.96 -6.44 -70.97
N ASP A 27 18.68 -7.66 -71.42
CA ASP A 27 17.76 -8.56 -70.75
C ASP A 27 18.57 -9.69 -70.11
N VAL A 28 18.09 -10.22 -68.99
CA VAL A 28 18.80 -11.29 -68.30
C VAL A 28 17.87 -12.44 -67.91
N LEU A 29 18.06 -13.59 -68.53
CA LEU A 29 17.24 -14.77 -68.25
C LEU A 29 17.88 -15.58 -67.12
N VAL A 30 17.12 -15.85 -66.06
CA VAL A 30 17.63 -16.60 -64.93
C VAL A 30 16.91 -17.94 -64.80
N ALA A 31 17.66 -18.98 -64.47
CA ALA A 31 17.08 -20.31 -64.29
C ALA A 31 17.89 -21.05 -63.21
N ASN A 32 17.18 -21.65 -62.25
CA ASN A 32 17.82 -22.37 -61.16
C ASN A 32 18.93 -21.58 -60.49
N GLY A 33 18.65 -20.31 -60.19
CA GLY A 33 19.62 -19.47 -59.54
C GLY A 33 20.82 -19.14 -60.40
N LYS A 34 20.74 -19.41 -61.69
CA LYS A 34 21.84 -19.14 -62.61
C LYS A 34 21.43 -18.24 -63.77
N ILE A 35 22.35 -17.35 -64.16
CA ILE A 35 22.12 -16.46 -65.29
C ILE A 35 22.40 -17.27 -66.56
N ILE A 36 21.34 -17.71 -67.23
CA ILE A 36 21.51 -18.53 -68.42
C ILE A 36 21.45 -17.78 -69.74
N ALA A 37 21.30 -16.47 -69.69
CA ALA A 37 21.25 -15.70 -70.93
C ALA A 37 21.38 -14.19 -70.75
N VAL A 38 22.21 -13.58 -71.60
CA VAL A 38 22.41 -12.13 -71.56
C VAL A 38 22.61 -11.60 -72.98
N ALA A 39 21.52 -11.12 -73.54
CA ALA A 39 21.49 -10.58 -74.88
C ALA A 39 20.22 -9.73 -74.95
N SER A 40 20.37 -8.48 -75.41
CA SER A 40 19.25 -7.55 -75.52
C SER A 40 18.01 -8.14 -76.20
N ASN A 41 16.85 -7.84 -75.62
CA ASN A 41 15.54 -8.29 -76.12
C ASN A 41 15.36 -9.80 -76.20
N ILE A 42 15.02 -10.41 -75.07
CA ILE A 42 14.79 -11.84 -75.00
C ILE A 42 13.28 -12.10 -74.92
N PRO A 43 12.81 -13.17 -75.58
CA PRO A 43 11.37 -13.52 -75.58
C PRO A 43 10.81 -13.79 -74.19
N SER A 44 9.64 -13.22 -73.92
CA SER A 44 8.96 -13.39 -72.63
C SER A 44 8.33 -14.77 -72.58
N ASP A 45 8.51 -15.53 -73.65
CA ASP A 45 7.95 -16.87 -73.74
C ASP A 45 9.02 -17.86 -74.17
N ILE A 46 10.27 -17.40 -74.24
CA ILE A 46 11.37 -18.28 -74.66
C ILE A 46 11.40 -19.58 -73.86
N VAL A 47 11.14 -19.48 -72.55
CA VAL A 47 11.10 -20.65 -71.66
C VAL A 47 9.69 -20.71 -71.04
N PRO A 48 9.21 -21.91 -70.69
CA PRO A 48 7.87 -22.12 -70.10
C PRO A 48 7.44 -21.19 -68.97
N ASN A 49 7.22 -21.75 -67.77
CA ASN A 49 6.79 -20.94 -66.64
C ASN A 49 7.87 -19.93 -66.32
N CYS A 50 7.77 -18.75 -66.94
CA CYS A 50 8.76 -17.70 -66.73
C CYS A 50 8.19 -16.49 -66.03
N THR A 51 8.69 -16.22 -64.83
CA THR A 51 8.24 -15.05 -64.10
C THR A 51 8.89 -13.88 -64.82
N VAL A 52 8.12 -13.21 -65.66
CA VAL A 52 8.64 -12.08 -66.40
C VAL A 52 8.48 -10.80 -65.58
N VAL A 53 9.55 -10.02 -65.47
CA VAL A 53 9.50 -8.78 -64.70
C VAL A 53 9.98 -7.58 -65.50
N ASP A 54 9.14 -6.56 -65.54
CA ASP A 54 9.42 -5.33 -66.27
C ASP A 54 10.30 -4.38 -65.48
N LEU A 55 11.56 -4.24 -65.90
CA LEU A 55 12.48 -3.34 -65.22
C LEU A 55 12.80 -2.11 -66.08
N SER A 56 11.89 -1.78 -66.98
CA SER A 56 12.08 -0.63 -67.87
C SER A 56 12.37 0.66 -67.12
N GLY A 57 13.48 1.31 -67.48
CA GLY A 57 13.86 2.55 -66.83
C GLY A 57 14.67 2.34 -65.57
N GLN A 58 14.93 1.09 -65.22
CA GLN A 58 15.69 0.78 -64.02
C GLN A 58 17.10 0.29 -64.36
N ILE A 59 17.99 0.35 -63.37
CA ILE A 59 19.37 -0.11 -63.52
C ILE A 59 19.49 -1.53 -62.99
N LEU A 60 20.32 -2.33 -63.62
CA LEU A 60 20.52 -3.70 -63.19
C LEU A 60 22.02 -3.98 -63.14
N CYS A 61 22.54 -4.27 -61.94
CA CYS A 61 23.96 -4.54 -61.76
C CYS A 61 24.18 -5.73 -60.82
N PRO A 62 25.42 -6.19 -60.69
CA PRO A 62 25.66 -7.33 -59.79
C PRO A 62 25.54 -6.92 -58.35
N GLY A 63 25.08 -7.83 -57.50
CA GLY A 63 24.95 -7.53 -56.08
C GLY A 63 26.31 -7.29 -55.50
N PHE A 64 26.38 -6.59 -54.37
CA PHE A 64 27.66 -6.32 -53.75
C PHE A 64 28.27 -7.51 -53.01
N ILE A 65 29.60 -7.57 -53.03
CA ILE A 65 30.34 -8.60 -52.34
C ILE A 65 31.09 -7.83 -51.27
N ASP A 66 30.71 -8.01 -50.01
CA ASP A 66 31.37 -7.30 -48.90
C ASP A 66 32.31 -8.27 -48.18
N GLN A 67 33.63 -8.06 -48.28
CA GLN A 67 34.57 -9.00 -47.67
C GLN A 67 35.11 -8.68 -46.29
N HIS A 68 34.35 -7.94 -45.49
CA HIS A 68 34.83 -7.59 -44.15
C HIS A 68 33.64 -7.41 -43.23
N VAL A 69 33.09 -8.51 -42.73
CA VAL A 69 31.94 -8.41 -41.85
C VAL A 69 32.04 -9.31 -40.64
N HIS A 70 31.85 -8.73 -39.46
CA HIS A 70 31.87 -9.50 -38.24
C HIS A 70 30.48 -10.12 -38.14
N LEU A 71 30.26 -11.17 -38.91
CA LEU A 71 28.98 -11.89 -38.98
C LEU A 71 28.34 -12.29 -37.64
N ILE A 72 29.13 -12.88 -36.74
CA ILE A 72 28.58 -13.31 -35.46
C ILE A 72 28.68 -12.24 -34.40
N GLY A 73 29.24 -11.10 -34.77
CA GLY A 73 29.39 -10.00 -33.84
C GLY A 73 30.85 -9.65 -33.64
N GLY A 74 31.09 -8.50 -33.00
CA GLY A 74 32.45 -8.05 -32.76
C GLY A 74 32.53 -7.08 -31.60
N GLY A 75 33.46 -6.13 -31.68
CA GLY A 75 33.61 -5.16 -30.60
C GLY A 75 34.15 -5.81 -29.35
N GLY A 76 33.72 -5.33 -28.18
CA GLY A 76 34.18 -5.88 -26.92
C GLY A 76 35.45 -5.24 -26.38
N GLU A 77 35.93 -4.24 -27.11
CA GLU A 77 37.15 -3.51 -26.80
C GLU A 77 37.01 -2.54 -25.62
N ALA A 78 35.87 -2.60 -24.96
CA ALA A 78 35.59 -1.76 -23.80
C ALA A 78 34.66 -2.53 -22.87
N GLY A 79 35.03 -3.76 -22.51
CA GLY A 79 34.17 -4.54 -21.64
C GLY A 79 33.22 -5.41 -22.44
N PRO A 80 32.52 -6.35 -21.79
CA PRO A 80 31.58 -7.27 -22.43
C PRO A 80 30.31 -6.62 -22.93
N THR A 81 30.07 -5.40 -22.49
CA THR A 81 28.89 -4.64 -22.88
C THR A 81 29.03 -4.17 -24.30
N THR A 82 30.27 -3.92 -24.70
CA THR A 82 30.55 -3.44 -26.05
C THR A 82 30.68 -4.55 -27.08
N ARG A 83 30.18 -5.74 -26.75
CA ARG A 83 30.21 -6.86 -27.68
C ARG A 83 28.98 -6.70 -28.57
N THR A 84 29.21 -6.33 -29.83
CA THR A 84 28.14 -6.12 -30.81
C THR A 84 27.36 -7.38 -31.15
N PRO A 85 26.09 -7.23 -31.56
CA PRO A 85 25.31 -8.43 -31.90
C PRO A 85 25.67 -9.03 -33.26
N GLU A 86 25.07 -10.17 -33.56
CA GLU A 86 25.32 -10.86 -34.83
C GLU A 86 24.61 -10.08 -35.94
N VAL A 87 24.97 -10.37 -37.18
CA VAL A 87 24.38 -9.67 -38.31
C VAL A 87 23.08 -10.28 -38.79
N ALA A 88 22.11 -9.41 -39.09
CA ALA A 88 20.81 -9.86 -39.58
C ALA A 88 20.81 -9.95 -41.11
N LEU A 89 20.22 -11.03 -41.63
CA LEU A 89 20.16 -11.26 -43.06
C LEU A 89 19.59 -10.07 -43.83
N SER A 90 18.45 -9.56 -43.37
CA SER A 90 17.79 -8.44 -44.02
C SER A 90 18.67 -7.21 -44.05
N ARG A 91 19.52 -7.06 -43.04
CA ARG A 91 20.41 -5.90 -42.97
C ARG A 91 21.34 -5.92 -44.18
N LEU A 92 21.84 -7.12 -44.50
CA LEU A 92 22.75 -7.30 -45.61
C LEU A 92 22.05 -7.14 -46.95
N THR A 93 20.99 -7.91 -47.17
CA THR A 93 20.26 -7.86 -48.42
C THR A 93 19.69 -6.49 -48.74
N GLU A 94 19.49 -5.67 -47.72
CA GLU A 94 18.94 -4.34 -47.96
C GLU A 94 19.99 -3.34 -48.36
N ALA A 95 21.24 -3.63 -48.01
CA ALA A 95 22.36 -2.76 -48.35
C ALA A 95 22.92 -3.21 -49.69
N GLY A 96 22.25 -4.21 -50.28
CA GLY A 96 22.64 -4.72 -51.57
C GLY A 96 23.79 -5.71 -51.54
N VAL A 97 23.94 -6.41 -50.43
CA VAL A 97 25.01 -7.38 -50.28
C VAL A 97 24.47 -8.79 -50.58
N THR A 98 25.06 -9.45 -51.58
CA THR A 98 24.64 -10.81 -51.95
C THR A 98 25.70 -11.87 -51.65
N SER A 99 26.93 -11.42 -51.40
CA SER A 99 28.04 -12.31 -51.08
C SER A 99 28.86 -11.60 -50.03
N VAL A 100 29.19 -12.32 -48.96
CA VAL A 100 29.95 -11.71 -47.88
C VAL A 100 31.00 -12.65 -47.26
N VAL A 101 32.10 -12.04 -46.78
CA VAL A 101 33.18 -12.78 -46.14
C VAL A 101 33.25 -12.42 -44.66
N GLY A 102 32.85 -13.34 -43.78
CA GLY A 102 32.87 -13.07 -42.36
C GLY A 102 34.26 -13.17 -41.74
N LEU A 103 34.43 -12.59 -40.56
CA LEU A 103 35.71 -12.63 -39.90
C LEU A 103 35.58 -12.18 -38.45
N LEU A 104 36.63 -12.39 -37.67
CA LEU A 104 36.64 -12.00 -36.28
C LEU A 104 37.63 -10.86 -36.12
N GLY A 105 37.40 -10.01 -35.12
CA GLY A 105 38.27 -8.86 -34.91
C GLY A 105 39.17 -9.01 -33.71
N THR A 106 39.18 -8.00 -32.85
CA THR A 106 40.02 -7.99 -31.67
C THR A 106 39.69 -9.10 -30.69
N ASP A 107 38.41 -9.25 -30.36
CA ASP A 107 37.99 -10.26 -29.40
C ASP A 107 37.97 -11.66 -29.99
N SER A 108 38.90 -12.50 -29.53
CA SER A 108 38.98 -13.88 -29.95
C SER A 108 39.03 -14.72 -28.69
N ILE A 109 38.30 -14.29 -27.66
CA ILE A 109 38.23 -15.01 -26.39
C ILE A 109 36.76 -15.36 -26.18
N SER A 110 35.87 -14.46 -26.57
CA SER A 110 34.45 -14.71 -26.44
C SER A 110 33.83 -14.86 -27.83
N ARG A 111 34.68 -14.98 -28.86
CA ARG A 111 34.25 -15.15 -30.25
C ARG A 111 35.14 -16.23 -30.82
N HIS A 112 34.53 -17.30 -31.31
CA HIS A 112 35.28 -18.42 -31.87
C HIS A 112 34.94 -18.72 -33.33
N PRO A 113 35.92 -19.23 -34.11
CA PRO A 113 35.74 -19.57 -35.53
C PRO A 113 34.61 -20.56 -35.81
N GLU A 114 34.35 -21.46 -34.86
CA GLU A 114 33.29 -22.46 -35.00
C GLU A 114 31.94 -21.79 -35.09
N SER A 115 31.79 -20.68 -34.37
CA SER A 115 30.54 -19.94 -34.36
C SER A 115 30.41 -19.22 -35.70
N LEU A 116 31.48 -18.56 -36.12
CA LEU A 116 31.49 -17.83 -37.39
C LEU A 116 31.16 -18.83 -38.51
N LEU A 117 31.84 -19.97 -38.50
CA LEU A 117 31.59 -21.00 -39.51
C LEU A 117 30.09 -21.31 -39.53
N ALA A 118 29.54 -21.49 -38.33
CA ALA A 118 28.13 -21.80 -38.19
C ALA A 118 27.25 -20.70 -38.75
N LYS A 119 27.57 -19.45 -38.44
CA LYS A 119 26.79 -18.32 -38.93
C LYS A 119 26.90 -18.19 -40.45
N THR A 120 28.08 -18.52 -40.96
CA THR A 120 28.32 -18.45 -42.39
C THR A 120 27.44 -19.45 -43.12
N ARG A 121 27.36 -20.67 -42.59
CA ARG A 121 26.56 -21.72 -43.18
C ARG A 121 25.07 -21.42 -43.05
N ALA A 122 24.69 -20.78 -41.95
CA ALA A 122 23.29 -20.44 -41.73
C ALA A 122 22.87 -19.40 -42.76
N LEU A 123 23.79 -18.49 -43.08
CA LEU A 123 23.50 -17.46 -44.06
C LEU A 123 23.28 -18.07 -45.45
N ASN A 124 24.15 -19.01 -45.83
CA ASN A 124 24.04 -19.66 -47.14
C ASN A 124 22.72 -20.41 -47.28
N GLU A 125 22.21 -20.98 -46.19
CA GLU A 125 20.95 -21.70 -46.26
C GLU A 125 19.81 -20.72 -46.47
N GLU A 126 19.95 -19.54 -45.87
CA GLU A 126 18.92 -18.53 -45.93
C GLU A 126 18.80 -17.79 -47.27
N GLY A 127 19.79 -17.98 -48.15
CA GLY A 127 19.70 -17.32 -49.44
C GLY A 127 20.91 -16.63 -50.05
N ILE A 128 21.85 -16.18 -49.24
CA ILE A 128 23.02 -15.50 -49.77
C ILE A 128 24.29 -16.36 -49.79
N SER A 129 25.36 -15.79 -50.31
CA SER A 129 26.64 -16.49 -50.41
C SER A 129 27.57 -15.98 -49.31
N ALA A 130 28.06 -16.89 -48.47
CA ALA A 130 28.95 -16.51 -47.39
C ALA A 130 30.19 -17.40 -47.24
N TRP A 131 31.28 -16.76 -46.85
CA TRP A 131 32.56 -17.44 -46.65
C TRP A 131 33.09 -16.81 -45.39
N MET A 132 34.25 -17.27 -44.94
CA MET A 132 34.85 -16.71 -43.74
C MET A 132 36.37 -16.80 -43.74
N LEU A 133 37.00 -15.93 -42.96
CA LEU A 133 38.45 -15.93 -42.82
C LEU A 133 38.69 -16.54 -41.43
N THR A 134 39.71 -17.38 -41.30
CA THR A 134 40.02 -17.96 -40.01
C THR A 134 40.97 -17.02 -39.27
N GLY A 135 41.12 -17.25 -37.96
CA GLY A 135 41.99 -16.42 -37.14
C GLY A 135 41.32 -15.12 -36.71
N ALA A 136 42.12 -14.22 -36.16
CA ALA A 136 41.65 -12.91 -35.70
C ALA A 136 42.89 -12.02 -35.57
N TYR A 137 42.75 -10.86 -34.95
CA TYR A 137 43.91 -9.96 -34.78
C TYR A 137 45.10 -10.76 -34.26
N HIS A 138 44.80 -11.78 -33.46
CA HIS A 138 45.82 -12.61 -32.82
C HIS A 138 46.70 -13.52 -33.68
N VAL A 139 48.00 -13.46 -33.40
CA VAL A 139 49.00 -14.26 -34.10
C VAL A 139 49.93 -14.80 -33.03
N PRO A 140 50.19 -16.13 -33.05
CA PRO A 140 49.64 -17.09 -34.01
C PRO A 140 48.12 -17.21 -33.89
N SER A 141 47.48 -17.61 -34.98
CA SER A 141 46.03 -17.71 -35.05
C SER A 141 45.33 -18.85 -34.33
N ARG A 142 44.21 -18.50 -33.70
CA ARG A 142 43.38 -19.48 -33.00
C ARG A 142 42.54 -20.04 -34.13
N THR A 143 42.82 -21.27 -34.51
CA THR A 143 42.11 -21.91 -35.61
C THR A 143 41.07 -22.91 -35.15
N ILE A 144 40.44 -23.57 -36.12
CA ILE A 144 39.43 -24.57 -35.85
C ILE A 144 40.07 -25.95 -35.76
N THR A 145 40.91 -26.25 -36.75
CA THR A 145 41.55 -27.55 -36.86
C THR A 145 42.98 -27.71 -36.34
N GLY A 146 43.61 -26.65 -35.86
CA GLY A 146 44.96 -26.82 -35.37
C GLY A 146 46.01 -26.04 -36.14
N SER A 147 45.77 -25.75 -37.42
CA SER A 147 46.71 -24.96 -38.19
C SER A 147 45.95 -24.20 -39.25
N VAL A 148 46.44 -23.00 -39.57
CA VAL A 148 45.82 -22.15 -40.59
C VAL A 148 45.75 -22.90 -41.92
N GLU A 149 46.87 -23.51 -42.30
CA GLU A 149 46.95 -24.27 -43.54
C GLU A 149 45.86 -25.34 -43.59
N LYS A 150 45.63 -26.02 -42.47
CA LYS A 150 44.61 -27.06 -42.43
C LYS A 150 43.20 -26.45 -42.52
N ASP A 151 42.98 -25.33 -41.83
CA ASP A 151 41.68 -24.67 -41.88
C ASP A 151 41.35 -24.28 -43.30
N VAL A 152 42.20 -23.44 -43.90
CA VAL A 152 41.99 -23.01 -45.28
C VAL A 152 41.86 -24.23 -46.20
N ALA A 153 42.65 -25.25 -45.93
CA ALA A 153 42.61 -26.43 -46.75
C ALA A 153 41.31 -27.20 -46.67
N ILE A 154 41.01 -27.79 -45.51
CA ILE A 154 39.82 -28.60 -45.39
C ILE A 154 38.51 -28.05 -44.86
N ILE A 155 38.48 -26.88 -44.24
CA ILE A 155 37.18 -26.33 -43.80
C ILE A 155 36.60 -25.65 -45.03
N ASP A 156 35.54 -26.24 -45.59
CA ASP A 156 34.91 -25.73 -46.79
C ASP A 156 34.63 -24.24 -46.91
N ARG A 157 34.37 -23.51 -45.83
CA ARG A 157 34.07 -22.08 -46.01
C ARG A 157 35.19 -21.08 -45.70
N VAL A 158 36.36 -21.59 -45.37
CA VAL A 158 37.49 -20.71 -45.08
C VAL A 158 38.26 -20.47 -46.38
N ILE A 159 38.45 -19.19 -46.71
CA ILE A 159 39.16 -18.82 -47.94
C ILE A 159 40.52 -18.19 -47.68
N GLY A 160 40.87 -18.02 -46.41
CA GLY A 160 42.14 -17.43 -46.07
C GLY A 160 42.19 -17.09 -44.60
N VAL A 161 43.28 -16.48 -44.17
CA VAL A 161 43.43 -16.13 -42.76
C VAL A 161 43.49 -14.61 -42.56
N CYS A 163 44.42 -11.31 -39.57
CA CYS A 163 45.35 -10.99 -38.49
C CYS A 163 45.40 -9.48 -38.34
N ALA A 164 46.25 -9.00 -37.46
CA ALA A 164 46.37 -7.56 -37.24
C ALA A 164 47.81 -7.14 -37.01
N ILE A 165 48.22 -6.07 -37.69
CA ILE A 165 49.58 -5.54 -37.57
C ILE A 165 49.57 -4.02 -37.41
N SER A 166 50.72 -3.47 -37.02
CA SER A 166 50.90 -2.03 -36.82
C SER A 166 49.72 -1.40 -36.08
N ASP A 167 49.23 -2.15 -35.10
CA ASP A 167 48.07 -1.74 -34.32
C ASP A 167 48.40 -1.92 -32.83
N HIS A 168 47.70 -1.19 -31.97
CA HIS A 168 47.94 -1.26 -30.53
C HIS A 168 47.06 -2.34 -29.88
N ARG A 169 46.43 -3.17 -30.71
CA ARG A 169 45.56 -4.24 -30.22
C ARG A 169 45.96 -5.56 -30.85
N SER A 170 47.20 -5.62 -31.33
CA SER A 170 47.71 -6.83 -31.96
C SER A 170 48.23 -7.76 -30.89
N ALA A 171 48.97 -8.77 -31.31
CA ALA A 171 49.57 -9.74 -30.40
C ALA A 171 51.09 -9.54 -30.50
N ALA A 172 51.45 -8.40 -31.10
CA ALA A 172 52.85 -8.03 -31.31
C ALA A 172 53.57 -9.13 -32.08
N PRO A 173 53.02 -9.53 -33.24
CA PRO A 173 53.61 -10.59 -34.08
C PRO A 173 54.96 -10.25 -34.73
N ASP A 174 55.86 -11.23 -34.82
CA ASP A 174 57.17 -11.02 -35.43
C ASP A 174 57.18 -11.56 -36.86
N VAL A 175 58.04 -11.01 -37.70
CA VAL A 175 58.10 -11.41 -39.09
C VAL A 175 58.02 -12.91 -39.35
N TYR A 176 58.69 -13.73 -38.55
CA TYR A 176 58.59 -15.16 -38.82
C TYR A 176 57.17 -15.68 -38.64
N HIS A 177 56.59 -15.49 -37.47
CA HIS A 177 55.22 -15.96 -37.22
C HIS A 177 54.27 -15.43 -38.28
N LEU A 178 54.48 -14.19 -38.70
CA LEU A 178 53.63 -13.57 -39.71
C LEU A 178 53.79 -14.29 -41.05
N ALA A 179 55.02 -14.36 -41.54
CA ALA A 179 55.33 -15.03 -42.79
C ALA A 179 54.76 -16.44 -42.85
N ASN A 180 55.06 -17.23 -41.82
CA ASN A 180 54.58 -18.61 -41.71
C ASN A 180 53.08 -18.67 -41.86
N MET A 181 52.39 -17.76 -41.17
CA MET A 181 50.95 -17.70 -41.19
C MET A 181 50.49 -17.54 -42.64
N ALA A 182 50.98 -16.53 -43.34
CA ALA A 182 50.59 -16.30 -44.72
C ALA A 182 50.91 -17.51 -45.61
N ALA A 183 52.09 -18.09 -45.41
CA ALA A 183 52.50 -19.23 -46.21
C ALA A 183 51.51 -20.37 -46.05
N GLU A 184 51.02 -20.55 -44.82
CA GLU A 184 50.05 -21.62 -44.57
C GLU A 184 48.73 -21.34 -45.23
N SER A 185 48.34 -20.06 -45.23
CA SER A 185 47.09 -19.67 -45.87
C SER A 185 47.21 -19.93 -47.37
N ARG A 186 48.37 -19.60 -47.93
CA ARG A 186 48.62 -19.77 -49.36
C ARG A 186 48.62 -21.23 -49.77
N VAL A 187 49.36 -22.05 -49.03
CA VAL A 187 49.42 -23.46 -49.36
C VAL A 187 48.04 -24.06 -49.18
N GLY A 188 47.40 -23.74 -48.04
CA GLY A 188 46.08 -24.26 -47.77
C GLY A 188 45.15 -23.99 -48.93
N GLY A 189 45.12 -22.73 -49.35
CA GLY A 189 44.28 -22.32 -50.46
C GLY A 189 44.43 -23.18 -51.70
N LEU A 190 45.66 -23.52 -52.05
CA LEU A 190 45.91 -24.35 -53.22
C LEU A 190 45.31 -25.74 -53.03
N LEU A 191 45.44 -26.27 -51.83
CA LEU A 191 44.92 -27.60 -51.52
C LEU A 191 43.41 -27.63 -51.45
N GLY A 192 42.83 -26.48 -51.15
CA GLY A 192 41.39 -26.40 -51.03
C GLY A 192 40.70 -25.67 -52.15
N GLY A 193 41.48 -25.15 -53.10
CA GLY A 193 40.88 -24.41 -54.19
C GLY A 193 40.28 -23.13 -53.62
N LYS A 194 41.05 -22.48 -52.75
CA LYS A 194 40.64 -21.25 -52.09
C LYS A 194 41.71 -20.22 -52.45
N PRO A 195 41.35 -18.93 -52.43
CA PRO A 195 42.33 -17.88 -52.77
C PRO A 195 43.54 -17.89 -51.83
N GLY A 196 43.33 -18.41 -50.62
CA GLY A 196 44.41 -18.49 -49.63
C GLY A 196 45.06 -17.15 -49.34
N VAL A 197 44.24 -16.13 -49.11
CA VAL A 197 44.77 -14.81 -48.82
C VAL A 197 45.03 -14.59 -47.34
N THR A 198 45.67 -13.46 -47.05
CA THR A 198 45.96 -13.09 -45.66
C THR A 198 45.54 -11.63 -45.57
N VAL A 199 44.47 -11.36 -44.83
CA VAL A 199 43.97 -10.00 -44.67
C VAL A 199 44.55 -9.38 -43.42
N PHE A 200 45.24 -8.25 -43.59
CA PHE A 200 45.86 -7.55 -42.47
C PHE A 200 45.08 -6.35 -42.01
N HIS A 201 44.70 -6.36 -40.74
CA HIS A 201 43.99 -5.22 -40.16
C HIS A 201 45.07 -4.20 -39.92
N MET A 202 44.92 -3.01 -40.49
CA MET A 202 45.92 -1.98 -40.32
C MET A 202 45.59 -1.06 -39.15
N GLY A 203 46.60 -0.79 -38.33
CA GLY A 203 46.42 0.08 -37.19
C GLY A 203 47.00 1.46 -37.48
N ASP A 204 47.17 2.26 -36.44
CA ASP A 204 47.71 3.61 -36.63
C ASP A 204 49.17 3.73 -36.22
N SER A 205 49.94 2.68 -36.45
CA SER A 205 51.35 2.73 -36.09
C SER A 205 52.12 3.41 -37.22
N LYS A 206 53.25 4.02 -36.86
CA LYS A 206 54.10 4.71 -37.82
C LYS A 206 54.65 3.68 -38.81
N LYS A 207 54.89 2.48 -38.32
CA LYS A 207 55.43 1.39 -39.13
C LYS A 207 54.56 1.07 -40.35
N ALA A 208 53.25 1.27 -40.20
CA ALA A 208 52.32 1.01 -41.30
C ALA A 208 52.47 -0.34 -42.02
N LEU A 209 52.81 -0.31 -43.30
CA LEU A 209 52.95 -1.54 -44.08
C LEU A 209 54.31 -2.23 -43.96
N GLN A 210 55.22 -1.66 -43.17
CA GLN A 210 56.55 -2.24 -43.05
C GLN A 210 56.55 -3.73 -42.74
N PRO A 211 55.58 -4.19 -41.91
CA PRO A 211 55.60 -5.62 -41.65
C PRO A 211 55.26 -6.41 -42.93
N ILE A 212 54.36 -5.87 -43.76
CA ILE A 212 53.98 -6.56 -44.99
C ILE A 212 55.13 -6.60 -45.97
N TYR A 213 56.00 -5.59 -45.92
CA TYR A 213 57.16 -5.57 -46.79
C TYR A 213 58.21 -6.54 -46.22
N ASP A 214 58.39 -6.48 -44.90
CA ASP A 214 59.33 -7.36 -44.19
C ASP A 214 58.99 -8.82 -44.50
N LEU A 215 57.70 -9.10 -44.61
CA LEU A 215 57.23 -10.44 -44.90
C LEU A 215 57.67 -10.88 -46.30
N LEU A 216 57.51 -10.00 -47.28
CA LEU A 216 57.91 -10.30 -48.66
C LEU A 216 59.36 -10.76 -48.77
N GLU A 217 60.23 -10.22 -47.91
CA GLU A 217 61.63 -10.60 -47.91
C GLU A 217 61.84 -12.03 -47.40
N ASN A 218 61.24 -12.32 -46.25
CA ASN A 218 61.40 -13.62 -45.61
C ASN A 218 60.62 -14.83 -46.16
N CYS A 219 59.82 -14.65 -47.20
CA CYS A 219 59.09 -15.77 -47.78
C CYS A 219 58.84 -15.50 -49.27
N ASP A 220 58.04 -16.34 -49.91
CA ASP A 220 57.76 -16.15 -51.32
C ASP A 220 56.28 -16.04 -51.67
N VAL A 221 55.46 -15.82 -50.64
CA VAL A 221 54.02 -15.69 -50.85
C VAL A 221 53.80 -14.54 -51.83
N PRO A 222 53.09 -14.81 -52.94
CA PRO A 222 52.82 -13.78 -53.95
C PRO A 222 52.22 -12.52 -53.30
N ILE A 223 52.60 -11.34 -53.78
CA ILE A 223 52.05 -10.11 -53.20
C ILE A 223 50.55 -10.02 -53.48
N SER A 224 50.05 -10.83 -54.43
CA SER A 224 48.64 -10.83 -54.77
C SER A 224 47.78 -11.56 -53.74
N LYS A 225 48.40 -11.93 -52.62
CA LYS A 225 47.69 -12.62 -51.54
C LYS A 225 47.60 -11.75 -50.29
N LEU A 226 48.50 -10.78 -50.18
CA LEU A 226 48.51 -9.88 -49.02
C LEU A 226 47.56 -8.70 -49.21
N LEU A 227 46.47 -8.70 -48.44
CA LEU A 227 45.47 -7.65 -48.52
C LEU A 227 45.39 -6.80 -47.27
N PRO A 228 45.86 -5.54 -47.33
CA PRO A 228 45.74 -4.73 -46.12
C PRO A 228 44.38 -4.04 -46.15
N THR A 229 43.80 -3.77 -44.98
CA THR A 229 42.51 -3.11 -44.90
C THR A 229 42.60 -1.86 -44.05
N HIS A 230 41.54 -1.04 -44.12
CA HIS A 230 41.48 0.22 -43.38
C HIS A 230 42.65 1.12 -43.75
N VAL A 231 43.14 0.98 -44.98
CA VAL A 231 44.27 1.78 -45.42
C VAL A 231 43.94 3.27 -45.36
N ASN A 232 42.64 3.59 -45.43
CA ASN A 232 42.21 4.98 -45.36
C ASN A 232 41.98 5.45 -43.93
N ARG A 233 42.64 4.81 -42.97
CA ARG A 233 42.47 5.18 -41.56
C ARG A 233 43.35 6.35 -41.14
N ASN A 234 44.47 6.53 -41.83
CA ASN A 234 45.38 7.65 -41.57
C ASN A 234 46.11 7.89 -42.89
N VAL A 235 46.29 9.17 -43.24
CA VAL A 235 46.92 9.53 -44.50
C VAL A 235 48.30 8.95 -44.73
N PRO A 236 49.21 9.06 -43.77
CA PRO A 236 50.55 8.50 -43.99
C PRO A 236 50.48 7.04 -44.47
N LEU A 237 49.61 6.26 -43.85
CA LEU A 237 49.43 4.85 -44.19
C LEU A 237 48.74 4.70 -45.56
N PHE A 238 47.73 5.51 -45.81
CA PHE A 238 47.03 5.45 -47.08
C PHE A 238 48.03 5.64 -48.23
N GLU A 239 48.88 6.66 -48.09
CA GLU A 239 49.89 6.94 -49.11
C GLU A 239 50.70 5.70 -49.42
N GLN A 240 51.13 4.98 -48.38
CA GLN A 240 51.90 3.76 -48.55
C GLN A 240 51.07 2.67 -49.25
N ALA A 241 49.80 2.53 -48.87
CA ALA A 241 48.93 1.52 -49.46
C ALA A 241 48.88 1.71 -50.97
N LEU A 242 48.85 2.97 -51.40
CA LEU A 242 48.82 3.33 -52.81
C LEU A 242 50.12 2.83 -53.45
N GLU A 243 51.25 3.09 -52.81
CA GLU A 243 52.54 2.64 -53.33
C GLU A 243 52.53 1.12 -53.42
N PHE A 244 51.89 0.49 -52.43
CA PHE A 244 51.78 -0.96 -52.36
C PHE A 244 50.90 -1.48 -53.52
N ALA A 245 49.85 -0.73 -53.83
CA ALA A 245 48.95 -1.10 -54.91
C ALA A 245 49.66 -0.89 -56.25
N ARG A 246 50.57 0.06 -56.28
CA ARG A 246 51.31 0.35 -57.50
C ARG A 246 52.28 -0.79 -57.80
N LYS A 247 52.59 -1.61 -56.80
CA LYS A 247 53.51 -2.73 -56.97
C LYS A 247 52.83 -4.05 -57.32
N GLY A 248 51.52 -4.00 -57.58
CA GLY A 248 50.81 -5.21 -57.94
C GLY A 248 49.91 -5.73 -56.84
N GLY A 249 50.03 -5.16 -55.65
CA GLY A 249 49.18 -5.60 -54.55
C GLY A 249 47.82 -4.92 -54.61
N THR A 250 46.87 -5.49 -53.88
CA THR A 250 45.53 -4.93 -53.84
C THR A 250 45.32 -4.26 -52.49
N ILE A 251 44.48 -3.25 -52.44
CA ILE A 251 44.22 -2.59 -51.17
C ILE A 251 42.73 -2.54 -50.88
N ASP A 252 42.39 -2.69 -49.61
CA ASP A 252 41.00 -2.66 -49.20
C ASP A 252 40.74 -1.38 -48.42
N ILE A 253 39.70 -0.65 -48.81
CA ILE A 253 39.31 0.59 -48.17
C ILE A 253 38.01 0.32 -47.44
N THR A 254 37.91 0.74 -46.19
CA THR A 254 36.69 0.50 -45.43
C THR A 254 35.72 1.68 -45.50
N SER A 255 34.52 1.38 -45.98
CA SER A 255 33.48 2.40 -46.14
C SER A 255 32.91 2.85 -44.81
N SER A 256 33.42 2.29 -43.73
CA SER A 256 32.92 2.66 -42.42
C SER A 256 33.77 3.75 -41.77
N ILE A 257 34.79 4.19 -42.50
CA ILE A 257 35.68 5.25 -42.04
C ILE A 257 35.52 6.46 -42.96
N ASP A 258 35.24 7.64 -42.40
CA ASP A 258 35.05 8.82 -43.25
C ASP A 258 36.15 9.89 -43.18
N GLU A 259 37.18 9.63 -42.39
CA GLU A 259 38.29 10.57 -42.26
C GLU A 259 39.51 9.81 -41.77
N PRO A 260 40.73 10.29 -42.09
CA PRO A 260 41.08 11.48 -42.88
C PRO A 260 40.84 11.26 -44.37
N VAL A 261 40.65 10.00 -44.75
CA VAL A 261 40.41 9.69 -46.14
C VAL A 261 39.07 9.00 -46.23
N ALA A 262 38.08 9.70 -46.78
CA ALA A 262 36.74 9.15 -46.92
C ALA A 262 36.80 7.99 -47.90
N PRO A 263 35.74 7.16 -47.96
CA PRO A 263 35.73 6.04 -48.88
C PRO A 263 35.92 6.47 -50.33
N ALA A 264 34.97 7.27 -50.82
CA ALA A 264 35.02 7.79 -52.17
C ALA A 264 36.37 8.47 -52.40
N GLU A 265 36.73 9.36 -51.50
CA GLU A 265 38.00 10.07 -51.58
C GLU A 265 39.12 9.05 -51.75
N GLY A 266 38.92 7.87 -51.16
CA GLY A 266 39.94 6.83 -51.25
C GLY A 266 40.00 6.17 -52.61
N ILE A 267 38.87 5.69 -53.08
CA ILE A 267 38.80 5.03 -54.37
C ILE A 267 39.24 6.04 -55.43
N ALA A 268 38.88 7.31 -55.22
CA ALA A 268 39.24 8.37 -56.14
C ALA A 268 40.76 8.58 -56.24
N ARG A 269 41.40 8.88 -55.11
CA ARG A 269 42.86 9.10 -55.09
C ARG A 269 43.65 7.98 -55.73
N ALA A 270 43.13 6.76 -55.63
CA ALA A 270 43.81 5.61 -56.20
C ALA A 270 43.89 5.75 -57.72
N VAL A 271 42.76 6.10 -58.34
CA VAL A 271 42.69 6.27 -59.79
C VAL A 271 43.66 7.35 -60.23
N GLN A 272 43.63 8.48 -59.53
CA GLN A 272 44.51 9.61 -59.82
C GLN A 272 45.96 9.10 -59.74
N ALA A 273 46.24 8.27 -58.75
CA ALA A 273 47.56 7.69 -58.56
C ALA A 273 47.90 6.76 -59.73
N GLY A 274 46.88 6.40 -60.49
CA GLY A 274 47.09 5.52 -61.63
C GLY A 274 47.11 4.06 -61.22
N ILE A 275 46.10 3.63 -60.47
CA ILE A 275 46.00 2.25 -60.01
C ILE A 275 44.81 1.62 -60.71
N PRO A 276 45.01 0.49 -61.39
CA PRO A 276 43.85 -0.11 -62.05
C PRO A 276 42.83 -0.41 -60.95
N LEU A 277 41.56 -0.08 -61.19
CA LEU A 277 40.53 -0.33 -60.18
C LEU A 277 40.51 -1.80 -59.78
N ALA A 278 41.07 -2.65 -60.63
CA ALA A 278 41.13 -4.09 -60.38
C ALA A 278 41.78 -4.38 -59.04
N ARG A 279 42.76 -3.56 -58.65
CA ARG A 279 43.47 -3.74 -57.40
C ARG A 279 42.91 -2.91 -56.25
N VAL A 280 41.62 -2.57 -56.33
CA VAL A 280 40.99 -1.78 -55.30
C VAL A 280 39.59 -2.31 -54.96
N THR A 281 39.38 -2.64 -53.70
CA THR A 281 38.10 -3.15 -53.24
C THR A 281 37.62 -2.29 -52.09
N LEU A 282 36.32 -2.38 -51.80
CA LEU A 282 35.70 -1.59 -50.73
C LEU A 282 34.98 -2.52 -49.77
N SER A 283 35.33 -2.46 -48.48
CA SER A 283 34.70 -3.31 -47.46
C SER A 283 33.97 -2.45 -46.44
N SER A 284 33.05 -3.03 -45.69
CA SER A 284 32.29 -2.25 -44.71
C SER A 284 32.74 -2.38 -43.26
N ASP A 285 33.23 -3.55 -42.91
CA ASP A 285 33.65 -3.81 -41.54
C ASP A 285 32.37 -3.67 -40.70
N GLY A 286 31.24 -4.03 -41.30
CA GLY A 286 29.95 -3.96 -40.66
C GLY A 286 29.86 -4.74 -39.36
N ASN A 287 28.98 -4.29 -38.48
CA ASN A 287 28.79 -4.89 -37.17
C ASN A 287 30.06 -4.86 -36.33
N GLY A 288 30.95 -3.93 -36.66
CA GLY A 288 32.18 -3.79 -35.91
C GLY A 288 32.08 -2.68 -34.87
N SER A 289 32.95 -1.67 -35.02
CA SER A 289 33.04 -0.52 -34.12
C SER A 289 33.81 -0.91 -32.86
N VAL A 304 28.34 0.61 -33.31
CA VAL A 304 28.00 -0.52 -34.18
C VAL A 304 27.85 -0.10 -35.65
N ALA A 305 28.81 -0.52 -36.47
CA ALA A 305 28.86 -0.19 -37.89
C ALA A 305 27.76 -0.84 -38.71
N GLY A 306 27.34 -0.13 -39.76
CA GLY A 306 26.29 -0.62 -40.63
C GLY A 306 26.81 -0.74 -42.06
N PHE A 307 25.95 -1.23 -42.95
CA PHE A 307 26.32 -1.42 -44.35
C PHE A 307 25.79 -0.36 -45.32
N GLU A 308 25.19 0.70 -44.79
CA GLU A 308 24.66 1.75 -45.64
C GLU A 308 25.79 2.39 -46.45
N THR A 309 26.93 2.61 -45.79
CA THR A 309 28.09 3.25 -46.40
C THR A 309 28.66 2.59 -47.67
N LEU A 310 28.21 1.38 -47.99
CA LEU A 310 28.70 0.72 -49.20
C LEU A 310 28.00 1.32 -50.40
N LEU A 311 26.68 1.37 -50.33
CA LEU A 311 25.88 1.91 -51.42
C LEU A 311 26.13 3.41 -51.54
N GLU A 312 26.38 4.05 -50.41
CA GLU A 312 26.63 5.48 -50.35
C GLU A 312 27.96 5.84 -50.98
N THR A 313 28.91 4.92 -50.93
CA THR A 313 30.21 5.19 -51.53
C THR A 313 30.12 5.09 -53.04
N VAL A 314 29.17 4.30 -53.54
CA VAL A 314 28.98 4.16 -54.97
C VAL A 314 28.32 5.47 -55.44
N GLN A 315 27.15 5.75 -54.88
CA GLN A 315 26.37 6.96 -55.17
C GLN A 315 27.24 8.21 -55.22
N VAL A 316 27.90 8.50 -54.11
CA VAL A 316 28.78 9.66 -53.99
C VAL A 316 29.88 9.65 -55.04
N LEU A 317 30.31 8.47 -55.44
CA LEU A 317 31.38 8.34 -56.43
C LEU A 317 30.88 8.78 -57.81
N VAL A 318 29.63 8.46 -58.10
CA VAL A 318 29.02 8.83 -59.36
C VAL A 318 28.53 10.27 -59.31
N LYS A 319 28.14 10.71 -58.12
CA LYS A 319 27.63 12.08 -57.94
C LYS A 319 28.74 13.08 -57.65
N ASP A 320 29.15 13.16 -56.39
CA ASP A 320 30.20 14.10 -55.98
C ASP A 320 31.47 14.05 -56.83
N TYR A 321 32.03 12.86 -57.02
CA TYR A 321 33.23 12.71 -57.85
C TYR A 321 32.78 12.39 -59.26
N ASP A 322 33.71 12.20 -60.20
CA ASP A 322 33.28 11.93 -61.57
C ASP A 322 33.56 10.53 -62.06
N PHE A 323 33.14 9.54 -61.28
CA PHE A 323 33.32 8.15 -61.68
C PHE A 323 32.02 7.76 -62.37
N SER A 324 32.10 6.77 -63.25
CA SER A 324 30.90 6.33 -63.94
C SER A 324 30.26 5.21 -63.13
N ILE A 325 29.00 4.95 -63.38
CA ILE A 325 28.29 3.90 -62.68
C ILE A 325 29.09 2.60 -62.74
N SER A 326 29.54 2.24 -63.93
CA SER A 326 30.30 1.02 -64.10
C SER A 326 31.59 1.00 -63.27
N ASP A 327 32.41 2.03 -63.39
CA ASP A 327 33.68 2.10 -62.65
C ASP A 327 33.49 2.20 -61.15
N ALA A 328 32.37 2.78 -60.72
CA ALA A 328 32.08 2.95 -59.30
C ALA A 328 31.77 1.60 -58.66
N LEU A 329 31.04 0.77 -59.40
CA LEU A 329 30.66 -0.56 -58.92
C LEU A 329 31.82 -1.54 -58.73
N ARG A 330 32.81 -1.47 -59.61
CA ARG A 330 33.95 -2.38 -59.59
C ARG A 330 34.57 -2.72 -58.23
N PRO A 331 34.95 -1.72 -57.43
CA PRO A 331 35.55 -1.98 -56.11
C PRO A 331 34.65 -2.77 -55.16
N LEU A 332 33.38 -2.89 -55.53
CA LEU A 332 32.38 -3.58 -54.72
C LEU A 332 31.89 -4.86 -55.39
N THR A 333 32.42 -5.17 -56.57
CA THR A 333 32.03 -6.37 -57.29
C THR A 333 33.24 -7.01 -57.92
N SER A 334 33.30 -6.99 -59.24
CA SER A 334 34.41 -7.61 -59.98
C SER A 334 35.80 -7.53 -59.32
N SER A 335 36.16 -6.38 -58.77
CA SER A 335 37.48 -6.26 -58.13
C SER A 335 37.55 -7.26 -56.99
N VAL A 336 36.55 -7.23 -56.12
CA VAL A 336 36.47 -8.14 -54.99
C VAL A 336 36.43 -9.59 -55.48
N ALA A 337 35.55 -9.86 -56.43
CA ALA A 337 35.40 -11.20 -56.96
C ALA A 337 36.71 -11.75 -57.51
N GLY A 338 37.46 -10.88 -58.19
CA GLY A 338 38.70 -11.29 -58.80
C GLY A 338 39.85 -11.46 -57.82
N PHE A 339 39.69 -10.91 -56.64
CA PHE A 339 40.73 -11.02 -55.62
C PHE A 339 40.63 -12.29 -54.79
N LEU A 340 39.41 -12.74 -54.56
CA LEU A 340 39.14 -13.95 -53.77
C LEU A 340 38.81 -15.08 -54.72
N ASN A 341 38.86 -14.80 -56.01
CA ASN A 341 38.57 -15.83 -57.00
C ASN A 341 37.18 -16.42 -56.79
N LEU A 342 36.23 -15.59 -56.35
CA LEU A 342 34.88 -16.05 -56.12
C LEU A 342 34.19 -16.35 -57.45
N THR A 343 34.53 -17.50 -58.02
CA THR A 343 33.98 -17.96 -59.29
C THR A 343 32.48 -17.76 -59.41
N GLY A 344 32.05 -17.15 -60.52
CA GLY A 344 30.63 -16.92 -60.76
C GLY A 344 29.98 -15.74 -60.05
N LYS A 345 30.77 -14.78 -59.59
CA LYS A 345 30.17 -13.64 -58.90
C LYS A 345 30.78 -12.30 -59.28
N GLY A 346 30.10 -11.22 -58.89
CA GLY A 346 30.58 -9.89 -59.20
C GLY A 346 30.51 -9.52 -60.66
N GLU A 347 29.96 -10.42 -61.48
CA GLU A 347 29.83 -10.17 -62.90
C GLU A 347 28.65 -10.91 -63.51
N ILE A 348 27.88 -10.18 -64.31
CA ILE A 348 26.69 -10.71 -64.96
C ILE A 348 27.00 -11.30 -66.33
N LEU A 349 27.06 -12.62 -66.39
CA LEU A 349 27.33 -13.34 -67.64
C LEU A 349 26.66 -14.69 -67.54
N PRO A 350 26.42 -15.35 -68.67
CA PRO A 350 25.79 -16.65 -68.58
C PRO A 350 26.72 -17.60 -67.82
N GLY A 351 26.16 -18.30 -66.85
CA GLY A 351 26.94 -19.22 -66.04
C GLY A 351 27.06 -18.69 -64.62
N ASN A 352 27.37 -17.41 -64.48
CA ASN A 352 27.51 -16.79 -63.17
C ASN A 352 26.20 -16.84 -62.37
N ASP A 353 26.30 -16.59 -61.08
CA ASP A 353 25.14 -16.62 -60.19
C ASP A 353 24.23 -15.42 -60.34
N ALA A 354 22.93 -15.67 -60.25
CA ALA A 354 21.92 -14.64 -60.39
C ALA A 354 21.83 -13.72 -59.16
N ASP A 355 22.97 -13.15 -58.78
CA ASP A 355 23.02 -12.21 -57.65
C ASP A 355 22.82 -10.84 -58.30
N LEU A 356 21.62 -10.29 -58.22
CA LEU A 356 21.32 -9.01 -58.86
C LEU A 356 20.70 -7.91 -57.99
N LEU A 357 20.90 -6.68 -58.44
CA LEU A 357 20.38 -5.47 -57.79
C LEU A 357 19.65 -4.58 -58.81
N VAL A 358 18.37 -4.32 -58.56
CA VAL A 358 17.57 -3.45 -59.43
C VAL A 358 17.62 -2.08 -58.77
N MET A 359 18.21 -1.10 -59.46
CA MET A 359 18.31 0.25 -58.89
C MET A 359 17.53 1.28 -59.71
N THR A 360 17.33 2.46 -59.13
CA THR A 360 16.64 3.53 -59.83
C THR A 360 17.74 4.24 -60.61
N PRO A 361 17.39 5.19 -61.47
CA PRO A 361 18.48 5.86 -62.19
C PRO A 361 19.41 6.56 -61.21
N GLU A 362 18.87 6.91 -60.05
CA GLU A 362 19.65 7.59 -59.02
C GLU A 362 20.34 6.61 -58.07
N LEU A 363 20.44 5.35 -58.49
CA LEU A 363 21.12 4.34 -57.69
C LEU A 363 20.53 4.11 -56.29
N ARG A 364 19.25 3.79 -56.22
CA ARG A 364 18.62 3.51 -54.94
C ARG A 364 17.99 2.12 -55.04
N ILE A 365 18.71 1.13 -54.51
CA ILE A 365 18.27 -0.26 -54.56
C ILE A 365 16.78 -0.45 -54.34
N GLU A 366 16.11 -1.05 -55.32
CA GLU A 366 14.67 -1.29 -55.23
C GLU A 366 14.41 -2.77 -54.98
N GLN A 367 15.01 -3.60 -55.83
CA GLN A 367 14.88 -5.04 -55.71
C GLN A 367 16.26 -5.66 -55.58
N VAL A 368 16.33 -6.81 -54.90
CA VAL A 368 17.58 -7.53 -54.74
C VAL A 368 17.35 -9.01 -55.01
N TYR A 369 18.25 -9.61 -55.78
CA TYR A 369 18.14 -11.04 -56.08
C TYR A 369 19.40 -11.75 -55.61
N ALA A 370 19.24 -12.90 -54.95
CA ALA A 370 20.39 -13.66 -54.48
C ALA A 370 20.20 -15.10 -54.95
N ARG A 371 21.09 -15.55 -55.81
CA ARG A 371 21.02 -16.90 -56.34
C ARG A 371 19.59 -17.15 -56.82
N GLY A 372 19.06 -16.23 -57.63
CA GLY A 372 17.72 -16.40 -58.17
C GLY A 372 16.60 -15.91 -57.28
N LYS A 373 16.62 -16.32 -56.01
CA LYS A 373 15.58 -15.91 -55.06
C LYS A 373 15.53 -14.40 -54.84
N LEU A 374 14.31 -13.86 -54.70
CA LEU A 374 14.11 -12.43 -54.47
C LEU A 374 14.23 -12.06 -52.98
N MET A 375 15.24 -11.25 -52.66
CA MET A 375 15.49 -10.84 -51.28
C MET A 375 14.83 -9.53 -50.86
N VAL A 376 14.94 -8.51 -51.71
CA VAL A 376 14.36 -7.21 -51.41
C VAL A 376 13.32 -6.84 -52.45
N LYS A 377 12.09 -6.57 -52.01
CA LYS A 377 11.00 -6.22 -52.91
C LYS A 377 10.81 -4.71 -53.08
N ASP A 378 10.42 -4.02 -52.02
CA ASP A 378 10.24 -2.59 -52.16
C ASP A 378 11.32 -1.82 -51.43
N GLY A 379 12.56 -2.30 -51.54
CA GLY A 379 13.66 -1.66 -50.87
C GLY A 379 13.79 -2.22 -49.46
N LYS A 380 12.82 -3.06 -49.09
CA LYS A 380 12.78 -3.71 -47.79
C LYS A 380 12.78 -5.22 -48.00
N ALA A 381 13.70 -5.91 -47.34
CA ALA A 381 13.81 -7.36 -47.48
C ALA A 381 12.46 -8.02 -47.27
N CYS A 382 12.19 -9.04 -48.09
CA CYS A 382 10.95 -9.80 -48.02
C CYS A 382 11.32 -11.25 -47.67
N VAL A 383 12.59 -11.45 -47.36
CA VAL A 383 13.12 -12.74 -46.95
C VAL A 383 13.98 -12.35 -45.78
N LYS A 384 13.81 -13.02 -44.64
CA LYS A 384 14.58 -12.68 -43.47
C LYS A 384 15.17 -13.88 -42.76
N GLY A 385 16.07 -13.62 -41.80
CA GLY A 385 16.68 -14.68 -41.05
C GLY A 385 15.60 -15.32 -40.20
N THR A 386 15.85 -16.54 -39.74
CA THR A 386 14.87 -17.26 -38.94
C THR A 386 14.31 -16.52 -37.70
N PHE A 387 15.09 -15.65 -37.07
CA PHE A 387 14.60 -14.95 -35.88
C PHE A 387 14.69 -13.41 -35.86
N GLU A 388 14.32 -12.76 -36.96
CA GLU A 388 14.36 -11.30 -37.03
C GLU A 388 13.02 -10.67 -36.61
N MET B 1 -75.60 0.47 42.86
CA MET B 1 -74.48 0.92 41.99
C MET B 1 -73.34 -0.10 42.00
N ILE B 2 -72.49 -0.01 40.98
CA ILE B 2 -71.34 -0.90 40.85
C ILE B 2 -70.23 -0.35 41.73
N ASP B 3 -69.45 -1.25 42.34
CA ASP B 3 -68.37 -0.84 43.22
C ASP B 3 -66.98 -0.76 42.58
N TYR B 4 -66.44 0.45 42.53
CA TYR B 4 -65.12 0.68 41.92
C TYR B 4 -64.04 1.07 42.94
N THR B 5 -64.34 0.97 44.22
CA THR B 5 -63.38 1.35 45.25
C THR B 5 -62.06 0.59 45.23
N ALA B 6 -62.06 -0.58 44.58
CA ALA B 6 -60.85 -1.39 44.50
C ALA B 6 -59.74 -0.60 43.83
N ALA B 7 -60.11 0.22 42.85
CA ALA B 7 -59.12 1.03 42.14
C ALA B 7 -58.47 2.06 43.04
N GLY B 8 -59.19 2.50 44.08
CA GLY B 8 -58.64 3.49 45.00
C GLY B 8 -58.33 4.80 44.30
N PHE B 9 -59.22 5.20 43.40
CA PHE B 9 -59.09 6.44 42.63
C PHE B 9 -58.96 7.68 43.49
N THR B 10 -57.99 8.53 43.18
CA THR B 10 -57.78 9.76 43.93
C THR B 10 -57.34 10.88 43.01
N LEU B 11 -57.98 12.04 43.13
CA LEU B 11 -57.66 13.18 42.28
C LEU B 11 -57.05 14.35 43.03
N LEU B 12 -55.74 14.50 42.94
CA LEU B 12 -55.05 15.60 43.58
C LEU B 12 -55.14 16.73 42.57
N GLN B 13 -55.95 17.74 42.86
CA GLN B 13 -56.15 18.86 41.92
C GLN B 13 -55.99 20.27 42.47
N GLY B 14 -55.52 21.18 41.61
CA GLY B 14 -55.36 22.56 42.02
C GLY B 14 -54.00 23.04 42.44
N ALA B 15 -53.13 22.11 42.83
CA ALA B 15 -51.79 22.46 43.29
C ALA B 15 -50.84 22.95 42.21
N HIS B 16 -49.75 23.57 42.66
CA HIS B 16 -48.72 24.07 41.79
C HIS B 16 -47.70 22.93 41.78
N LEU B 17 -47.75 22.12 40.72
CA LEU B 17 -46.87 20.97 40.58
C LEU B 17 -45.39 21.22 40.35
N TYR B 18 -44.58 20.37 40.94
CA TYR B 18 -43.11 20.38 40.82
C TYR B 18 -42.86 18.87 40.75
N ALA B 19 -42.50 18.36 39.58
CA ALA B 19 -42.35 16.90 39.44
C ALA B 19 -41.00 16.21 39.36
N PRO B 20 -39.90 16.85 39.77
CA PRO B 20 -39.74 18.18 40.36
C PRO B 20 -39.71 19.31 39.35
N GLU B 21 -39.58 18.99 38.06
CA GLU B 21 -39.53 20.06 37.07
C GLU B 21 -40.72 20.98 37.24
N ASP B 22 -40.44 22.28 37.18
CA ASP B 22 -41.51 23.24 37.34
C ASP B 22 -42.58 23.08 36.27
N ARG B 23 -43.77 22.75 36.72
CA ARG B 23 -44.94 22.60 35.86
C ARG B 23 -45.72 23.83 36.36
N GLY B 24 -47.03 23.88 36.16
CA GLY B 24 -47.76 25.03 36.68
C GLY B 24 -48.85 24.52 37.61
N ILE B 25 -50.06 25.03 37.44
CA ILE B 25 -51.14 24.52 38.24
C ILE B 25 -51.58 23.26 37.48
N CYS B 26 -51.02 22.12 37.86
CA CYS B 26 -51.34 20.88 37.18
C CYS B 26 -52.09 19.95 38.12
N ASP B 27 -52.70 18.90 37.58
CA ASP B 27 -53.44 17.93 38.40
C ASP B 27 -52.78 16.55 38.34
N VAL B 28 -53.07 15.69 39.32
CA VAL B 28 -52.49 14.34 39.36
C VAL B 28 -53.52 13.30 39.78
N LEU B 29 -53.89 12.42 38.85
CA LEU B 29 -54.88 11.38 39.11
C LEU B 29 -54.20 10.07 39.46
N VAL B 30 -54.51 9.54 40.64
CA VAL B 30 -53.91 8.29 41.07
C VAL B 30 -54.90 7.14 41.01
N ALA B 31 -54.37 5.95 40.78
CA ALA B 31 -55.20 4.75 40.70
C ALA B 31 -54.30 3.56 41.00
N ASN B 32 -54.62 2.81 42.04
CA ASN B 32 -53.82 1.64 42.40
C ASN B 32 -52.38 2.01 42.72
N GLY B 33 -52.22 3.01 43.58
CA GLY B 33 -50.91 3.44 43.98
C GLY B 33 -50.03 4.02 42.88
N LYS B 34 -50.54 4.08 41.66
CA LYS B 34 -49.74 4.63 40.58
C LYS B 34 -50.30 5.91 39.97
N ILE B 35 -49.40 6.78 39.53
CA ILE B 35 -49.83 8.01 38.89
C ILE B 35 -50.30 7.57 37.51
N ILE B 36 -51.54 7.86 37.15
CA ILE B 36 -52.01 7.46 35.83
C ILE B 36 -52.34 8.64 34.93
N ALA B 37 -52.16 9.86 35.45
CA ALA B 37 -52.46 11.04 34.66
C ALA B 37 -51.94 12.33 35.26
N VAL B 38 -51.22 13.10 34.46
CA VAL B 38 -50.69 14.40 34.88
C VAL B 38 -50.95 15.44 33.80
N ALA B 39 -51.90 16.32 34.07
CA ALA B 39 -52.28 17.37 33.14
C ALA B 39 -53.18 18.36 33.86
N SER B 40 -53.12 19.63 33.43
CA SER B 40 -53.93 20.68 34.03
C SER B 40 -55.41 20.43 33.76
N ASN B 41 -56.24 20.72 34.76
CA ASN B 41 -57.70 20.56 34.68
C ASN B 41 -58.24 19.19 34.31
N ILE B 42 -58.16 18.24 35.23
CA ILE B 42 -58.68 16.91 34.97
C ILE B 42 -60.10 16.88 35.52
N PRO B 43 -61.07 16.43 34.71
CA PRO B 43 -62.45 16.38 35.21
C PRO B 43 -62.62 15.45 36.42
N SER B 44 -63.25 15.98 37.47
CA SER B 44 -63.49 15.25 38.71
C SER B 44 -64.36 14.01 38.57
N ASP B 45 -65.09 13.94 37.47
CA ASP B 45 -65.98 12.80 37.25
C ASP B 45 -65.29 11.77 36.35
N ILE B 46 -64.15 12.15 35.77
CA ILE B 46 -63.42 11.27 34.86
C ILE B 46 -63.41 9.78 35.23
N VAL B 47 -63.36 9.46 36.52
CA VAL B 47 -63.40 8.07 36.98
C VAL B 47 -64.34 7.95 38.18
N PRO B 48 -64.96 6.77 38.35
CA PRO B 48 -65.90 6.44 39.42
C PRO B 48 -65.70 7.04 40.83
N ASN B 49 -65.55 6.18 41.81
CA ASN B 49 -65.39 6.60 43.21
C ASN B 49 -64.06 7.31 43.47
N CYS B 50 -63.83 8.37 42.70
CA CYS B 50 -62.60 9.14 42.82
C CYS B 50 -62.59 10.06 44.03
N THR B 51 -61.68 9.83 44.96
CA THR B 51 -61.57 10.69 46.13
C THR B 51 -60.87 11.97 45.69
N VAL B 52 -61.64 12.99 45.35
CA VAL B 52 -61.05 14.25 44.94
C VAL B 52 -60.70 15.11 46.14
N VAL B 53 -59.43 15.53 46.18
CA VAL B 53 -58.92 16.37 47.26
C VAL B 53 -58.37 17.64 46.64
N ASP B 54 -58.93 18.77 47.06
CA ASP B 54 -58.53 20.07 46.53
C ASP B 54 -57.27 20.60 47.16
N LEU B 55 -56.19 20.63 46.38
CA LEU B 55 -54.92 21.15 46.86
C LEU B 55 -54.72 22.58 46.34
N SER B 56 -55.83 23.30 46.18
CA SER B 56 -55.79 24.67 45.69
C SER B 56 -54.93 25.55 46.58
N GLY B 57 -53.92 26.19 45.98
CA GLY B 57 -53.04 27.06 46.73
C GLY B 57 -51.89 26.31 47.40
N GLN B 58 -51.83 25.02 47.13
CA GLN B 58 -50.83 24.14 47.70
C GLN B 58 -49.74 23.78 46.69
N ILE B 59 -48.64 23.24 47.19
CA ILE B 59 -47.53 22.80 46.36
C ILE B 59 -47.51 21.28 46.39
N LEU B 60 -47.42 20.66 45.22
CA LEU B 60 -47.39 19.20 45.12
C LEU B 60 -46.03 18.84 44.52
N CYS B 61 -45.27 17.97 45.19
CA CYS B 61 -43.96 17.57 44.68
C CYS B 61 -43.70 16.09 44.95
N PRO B 62 -42.59 15.55 44.42
CA PRO B 62 -42.33 14.13 44.66
C PRO B 62 -41.79 13.84 46.05
N GLY B 63 -42.11 12.66 46.58
CA GLY B 63 -41.64 12.28 47.91
C GLY B 63 -40.13 12.14 48.04
N PHE B 64 -39.61 12.34 49.23
CA PHE B 64 -38.17 12.24 49.42
C PHE B 64 -37.61 10.82 49.40
N ILE B 65 -36.42 10.67 48.85
CA ILE B 65 -35.72 9.39 48.78
C ILE B 65 -34.48 9.57 49.67
N ASP B 66 -34.45 8.85 50.79
CA ASP B 66 -33.34 8.97 51.74
C ASP B 66 -32.42 7.76 51.63
N GLN B 67 -31.28 7.91 50.96
CA GLN B 67 -30.39 6.76 50.76
C GLN B 67 -29.32 6.49 51.81
N HIS B 68 -29.53 6.98 53.03
CA HIS B 68 -28.57 6.75 54.10
C HIS B 68 -29.30 6.78 55.45
N VAL B 69 -29.95 5.67 55.80
CA VAL B 69 -30.70 5.59 57.05
C VAL B 69 -30.45 4.27 57.81
N HIS B 70 -30.14 4.39 59.10
CA HIS B 70 -29.89 3.23 59.95
C HIS B 70 -31.19 2.65 60.49
N LEU B 71 -32.00 2.12 59.58
CA LEU B 71 -33.30 1.52 59.91
C LEU B 71 -33.41 0.68 61.19
N ILE B 72 -32.47 -0.24 61.40
CA ILE B 72 -32.53 -1.09 62.60
C ILE B 72 -31.82 -0.44 63.78
N GLY B 73 -31.21 0.71 63.54
CA GLY B 73 -30.48 1.39 64.59
C GLY B 73 -28.99 1.41 64.29
N GLY B 74 -28.22 2.14 65.10
CA GLY B 74 -26.79 2.22 64.88
C GLY B 74 -26.01 2.55 66.13
N GLY B 75 -25.06 3.47 66.01
CA GLY B 75 -24.24 3.86 67.14
C GLY B 75 -23.53 2.69 67.81
N GLY B 76 -23.24 2.84 69.10
CA GLY B 76 -22.57 1.79 69.85
C GLY B 76 -21.08 2.06 70.03
N GLU B 77 -20.60 3.13 69.41
CA GLU B 77 -19.20 3.52 69.46
C GLU B 77 -18.69 3.93 70.84
N ALA B 78 -19.63 4.15 71.76
CA ALA B 78 -19.28 4.51 73.13
C ALA B 78 -19.89 3.50 74.08
N GLY B 79 -19.96 2.25 73.64
CA GLY B 79 -20.52 1.22 74.48
C GLY B 79 -21.92 0.79 74.08
N PRO B 80 -22.33 -0.42 74.48
CA PRO B 80 -23.65 -0.98 74.16
C PRO B 80 -24.84 -0.08 74.53
N THR B 81 -24.61 0.88 75.41
CA THR B 81 -25.69 1.78 75.80
C THR B 81 -25.96 2.73 74.65
N THR B 82 -24.93 3.02 73.87
CA THR B 82 -25.10 3.94 72.75
C THR B 82 -25.71 3.30 71.51
N ARG B 83 -26.21 2.07 71.63
CA ARG B 83 -26.86 1.40 70.50
C ARG B 83 -28.25 2.04 70.34
N THR B 84 -28.43 2.81 69.27
CA THR B 84 -29.68 3.49 68.99
C THR B 84 -30.84 2.55 68.61
N PRO B 85 -32.09 3.00 68.80
CA PRO B 85 -33.26 2.18 68.47
C PRO B 85 -33.60 2.16 66.99
N GLU B 86 -34.58 1.32 66.62
CA GLU B 86 -35.02 1.21 65.23
C GLU B 86 -35.82 2.44 64.82
N VAL B 87 -35.72 2.79 63.54
CA VAL B 87 -36.44 3.96 63.02
C VAL B 87 -37.96 3.68 62.92
N ALA B 88 -38.76 4.67 63.34
CA ALA B 88 -40.21 4.54 63.31
C ALA B 88 -40.76 5.01 61.98
N LEU B 89 -41.76 4.31 61.45
CA LEU B 89 -42.33 4.69 60.16
C LEU B 89 -42.62 6.18 60.12
N SER B 90 -43.56 6.62 60.97
CA SER B 90 -43.97 8.02 61.05
C SER B 90 -42.84 9.03 61.12
N ARG B 91 -41.71 8.64 61.70
CA ARG B 91 -40.59 9.57 61.80
C ARG B 91 -40.10 9.93 60.40
N LEU B 92 -40.17 8.95 59.50
CA LEU B 92 -39.74 9.15 58.12
C LEU B 92 -40.75 9.92 57.29
N THR B 93 -41.96 9.38 57.19
CA THR B 93 -43.01 10.03 56.43
C THR B 93 -43.21 11.49 56.82
N GLU B 94 -43.25 11.78 58.12
CA GLU B 94 -43.44 13.15 58.54
C GLU B 94 -42.27 14.03 58.13
N ALA B 95 -41.23 13.41 57.60
CA ALA B 95 -40.07 14.17 57.15
C ALA B 95 -40.11 14.27 55.63
N GLY B 96 -41.13 13.65 55.04
CA GLY B 96 -41.28 13.67 53.59
C GLY B 96 -40.73 12.44 52.92
N VAL B 97 -39.94 11.66 53.65
CA VAL B 97 -39.33 10.46 53.11
C VAL B 97 -40.31 9.33 52.75
N THR B 98 -40.44 9.03 51.46
CA THR B 98 -41.33 7.95 51.00
C THR B 98 -40.51 6.72 50.54
N SER B 99 -39.25 6.95 50.22
CA SER B 99 -38.36 5.87 49.79
C SER B 99 -37.09 6.00 50.61
N VAL B 100 -36.57 4.87 51.04
CA VAL B 100 -35.38 4.92 51.87
C VAL B 100 -34.43 3.73 51.64
N VAL B 101 -33.15 3.99 51.79
CA VAL B 101 -32.15 2.97 51.62
C VAL B 101 -31.49 2.79 52.96
N GLY B 102 -31.49 1.56 53.47
CA GLY B 102 -30.89 1.32 54.76
C GLY B 102 -29.49 0.74 54.63
N LEU B 103 -28.65 1.05 55.60
CA LEU B 103 -27.30 0.53 55.64
C LEU B 103 -26.90 0.34 57.11
N LEU B 104 -25.72 -0.23 57.33
CA LEU B 104 -25.23 -0.45 58.69
C LEU B 104 -23.99 0.42 58.82
N GLY B 105 -23.52 0.61 60.05
CA GLY B 105 -22.35 1.45 60.25
C GLY B 105 -21.19 0.78 60.95
N THR B 106 -20.58 1.51 61.88
CA THR B 106 -19.46 1.01 62.64
C THR B 106 -19.71 -0.41 63.20
N ASP B 107 -20.84 -0.58 63.90
CA ASP B 107 -21.18 -1.86 64.53
C ASP B 107 -21.81 -2.93 63.62
N SER B 108 -21.06 -4.00 63.37
CA SER B 108 -21.55 -5.12 62.57
C SER B 108 -21.31 -6.41 63.36
N ILE B 109 -21.26 -6.26 64.68
CA ILE B 109 -21.08 -7.39 65.61
C ILE B 109 -22.44 -7.64 66.26
N SER B 110 -23.14 -6.56 66.61
CA SER B 110 -24.45 -6.68 67.23
C SER B 110 -25.55 -6.24 66.26
N ARG B 111 -25.15 -5.88 65.05
CA ARG B 111 -26.08 -5.48 64.00
C ARG B 111 -25.87 -6.45 62.84
N HIS B 112 -26.95 -7.01 62.29
CA HIS B 112 -26.84 -8.00 61.22
C HIS B 112 -27.64 -7.69 59.95
N PRO B 113 -27.12 -8.09 58.78
CA PRO B 113 -27.74 -7.88 57.47
C PRO B 113 -29.16 -8.44 57.39
N GLU B 114 -29.41 -9.56 58.07
CA GLU B 114 -30.73 -10.17 58.06
C GLU B 114 -31.72 -9.34 58.85
N SER B 115 -31.22 -8.53 59.77
CA SER B 115 -32.09 -7.68 60.57
C SER B 115 -32.47 -6.46 59.74
N LEU B 116 -31.50 -5.94 58.98
CA LEU B 116 -31.77 -4.79 58.14
C LEU B 116 -32.80 -5.16 57.08
N LEU B 117 -32.64 -6.37 56.52
CA LEU B 117 -33.53 -6.88 55.48
C LEU B 117 -34.99 -6.97 55.96
N ALA B 118 -35.18 -7.66 57.09
CA ALA B 118 -36.51 -7.83 57.69
C ALA B 118 -37.17 -6.48 57.90
N LYS B 119 -36.45 -5.57 58.52
CA LYS B 119 -36.97 -4.23 58.75
C LYS B 119 -37.30 -3.58 57.40
N THR B 120 -36.36 -3.64 56.47
CA THR B 120 -36.58 -3.06 55.16
C THR B 120 -37.88 -3.54 54.57
N ARG B 121 -38.27 -4.75 54.93
CA ARG B 121 -39.52 -5.31 54.45
C ARG B 121 -40.70 -4.88 55.31
N ALA B 122 -40.45 -4.61 56.59
CA ALA B 122 -41.54 -4.18 57.47
C ALA B 122 -42.05 -2.88 56.89
N LEU B 123 -41.13 -1.96 56.66
CA LEU B 123 -41.47 -0.66 56.09
C LEU B 123 -42.19 -0.80 54.75
N ASN B 124 -41.80 -1.79 53.94
CA ASN B 124 -42.47 -1.96 52.66
C ASN B 124 -43.93 -2.33 52.90
N GLU B 125 -44.20 -3.29 53.77
CA GLU B 125 -45.56 -3.70 54.06
C GLU B 125 -46.33 -2.57 54.73
N GLU B 126 -45.62 -1.74 55.49
CA GLU B 126 -46.29 -0.66 56.19
C GLU B 126 -46.65 0.52 55.28
N GLY B 127 -46.30 0.44 54.00
CA GLY B 127 -46.66 1.53 53.10
C GLY B 127 -45.61 2.32 52.33
N ILE B 128 -44.38 2.37 52.80
CA ILE B 128 -43.36 3.10 52.04
C ILE B 128 -42.51 2.11 51.26
N SER B 129 -41.44 2.60 50.64
CA SER B 129 -40.57 1.74 49.87
C SER B 129 -39.19 1.78 50.49
N ALA B 130 -38.67 0.61 50.84
CA ALA B 130 -37.35 0.50 51.45
C ALA B 130 -36.42 -0.50 50.75
N TRP B 131 -35.14 -0.15 50.74
CA TRP B 131 -34.09 -0.96 50.15
C TRP B 131 -32.96 -0.98 51.17
N MET B 132 -31.89 -1.71 50.87
CA MET B 132 -30.77 -1.78 51.81
C MET B 132 -29.44 -2.08 51.15
N LEU B 133 -28.37 -1.67 51.83
CA LEU B 133 -27.02 -1.92 51.35
C LEU B 133 -26.44 -3.04 52.24
N THR B 134 -25.91 -4.07 51.58
CA THR B 134 -25.30 -5.19 52.29
C THR B 134 -23.95 -4.71 52.86
N GLY B 135 -23.40 -5.44 53.83
CA GLY B 135 -22.14 -5.03 54.41
C GLY B 135 -22.21 -3.86 55.38
N ALA B 136 -21.05 -3.37 55.78
CA ALA B 136 -20.94 -2.26 56.74
C ALA B 136 -19.56 -1.63 56.60
N TYR B 137 -19.13 -0.91 57.64
CA TYR B 137 -17.80 -0.28 57.64
C TYR B 137 -16.75 -1.33 57.35
N HIS B 138 -16.82 -2.43 58.11
CA HIS B 138 -15.86 -3.52 57.99
C HIS B 138 -15.73 -4.12 56.61
N VAL B 139 -14.48 -4.34 56.19
CA VAL B 139 -14.15 -4.94 54.91
C VAL B 139 -13.10 -5.99 55.20
N PRO B 140 -13.23 -7.20 54.63
CA PRO B 140 -14.30 -7.65 53.74
C PRO B 140 -15.68 -7.49 54.36
N SER B 141 -16.72 -7.61 53.54
CA SER B 141 -18.08 -7.44 54.02
C SER B 141 -18.72 -8.64 54.68
N ARG B 142 -19.30 -8.40 55.85
CA ARG B 142 -20.02 -9.44 56.53
C ARG B 142 -21.33 -9.40 55.74
N THR B 143 -21.69 -10.51 55.10
CA THR B 143 -22.88 -10.55 54.25
C THR B 143 -23.95 -11.58 54.61
N ILE B 144 -24.98 -11.65 53.77
CA ILE B 144 -26.08 -12.58 53.98
C ILE B 144 -25.83 -13.96 53.37
N THR B 145 -25.51 -14.01 52.08
CA THR B 145 -25.29 -15.26 51.39
C THR B 145 -23.86 -15.76 51.34
N GLY B 146 -22.92 -14.98 51.85
CA GLY B 146 -21.54 -15.41 51.81
C GLY B 146 -20.67 -14.61 50.86
N SER B 147 -21.26 -13.91 49.89
CA SER B 147 -20.45 -13.10 48.99
C SER B 147 -21.24 -11.85 48.63
N VAL B 148 -20.54 -10.74 48.49
CA VAL B 148 -21.19 -9.48 48.17
C VAL B 148 -21.88 -9.56 46.82
N GLU B 149 -21.22 -10.24 45.88
CA GLU B 149 -21.76 -10.41 44.52
C GLU B 149 -23.11 -11.13 44.60
N LYS B 150 -23.17 -12.17 45.44
CA LYS B 150 -24.40 -12.95 45.60
C LYS B 150 -25.57 -12.17 46.27
N ASP B 151 -25.25 -11.38 47.30
CA ASP B 151 -26.27 -10.59 47.98
C ASP B 151 -26.91 -9.58 47.03
N VAL B 152 -26.06 -8.78 46.37
CA VAL B 152 -26.51 -7.76 45.44
C VAL B 152 -27.25 -8.40 44.23
N ALA B 153 -26.98 -9.66 43.96
CA ALA B 153 -27.63 -10.35 42.85
C ALA B 153 -28.91 -11.08 43.25
N ILE B 154 -28.87 -11.86 44.32
CA ILE B 154 -30.05 -12.63 44.69
C ILE B 154 -30.97 -12.20 45.83
N ILE B 155 -30.57 -11.22 46.62
CA ILE B 155 -31.46 -10.74 47.69
C ILE B 155 -32.12 -9.47 47.16
N ASP B 156 -33.37 -9.62 46.74
CA ASP B 156 -34.15 -8.53 46.16
C ASP B 156 -33.98 -7.12 46.70
N ARG B 157 -34.08 -6.92 48.01
CA ARG B 157 -33.96 -5.56 48.54
C ARG B 157 -32.54 -4.98 48.63
N VAL B 158 -31.53 -5.81 48.42
CA VAL B 158 -30.15 -5.33 48.45
C VAL B 158 -29.89 -4.70 47.08
N ILE B 159 -29.40 -3.47 47.07
CA ILE B 159 -29.13 -2.82 45.79
C ILE B 159 -27.68 -2.45 45.62
N GLY B 160 -26.87 -2.78 46.63
CA GLY B 160 -25.45 -2.47 46.58
C GLY B 160 -24.73 -2.76 47.88
N VAL B 161 -23.55 -2.16 48.06
CA VAL B 161 -22.77 -2.41 49.26
C VAL B 161 -22.23 -1.14 49.92
N CYS B 163 -19.40 0.61 52.96
CA CYS B 163 -18.04 0.40 53.48
C CYS B 163 -17.54 1.72 54.04
N ALA B 164 -16.42 1.67 54.75
CA ALA B 164 -15.83 2.88 55.30
C ALA B 164 -14.38 2.94 54.91
N ILE B 165 -13.91 4.14 54.61
CA ILE B 165 -12.52 4.37 54.23
C ILE B 165 -12.06 5.67 54.86
N SER B 166 -10.75 5.83 55.01
CA SER B 166 -10.18 7.05 55.57
C SER B 166 -10.90 7.47 56.86
N ASP B 167 -11.16 6.50 57.73
CA ASP B 167 -11.83 6.77 58.99
C ASP B 167 -11.14 5.96 60.09
N HIS B 168 -11.06 6.52 61.30
CA HIS B 168 -10.40 5.81 62.39
C HIS B 168 -11.20 4.60 62.90
N ARG B 169 -12.37 4.36 62.30
CA ARG B 169 -13.22 3.24 62.69
C ARG B 169 -13.30 2.25 61.52
N SER B 170 -12.43 2.45 60.53
CA SER B 170 -12.41 1.59 59.37
C SER B 170 -11.99 0.19 59.77
N ALA B 171 -11.83 -0.67 58.76
CA ALA B 171 -11.40 -2.04 58.96
C ALA B 171 -10.01 -2.11 58.35
N ALA B 172 -9.51 -0.95 57.91
CA ALA B 172 -8.19 -0.84 57.30
C ALA B 172 -8.06 -1.66 56.03
N PRO B 173 -9.00 -1.52 55.07
CA PRO B 173 -8.93 -2.28 53.84
C PRO B 173 -7.88 -1.77 52.87
N ASP B 174 -7.34 -2.67 52.07
CA ASP B 174 -6.34 -2.33 51.07
C ASP B 174 -7.04 -2.18 49.73
N VAL B 175 -6.40 -1.50 48.78
CA VAL B 175 -7.00 -1.30 47.48
C VAL B 175 -7.51 -2.60 46.91
N TYR B 176 -6.90 -3.72 47.28
CA TYR B 176 -7.36 -5.00 46.74
C TYR B 176 -8.73 -5.43 47.21
N HIS B 177 -8.90 -5.54 48.53
CA HIS B 177 -10.18 -5.96 49.10
C HIS B 177 -11.27 -4.94 48.86
N LEU B 178 -10.86 -3.71 48.58
CA LEU B 178 -11.78 -2.62 48.30
C LEU B 178 -12.25 -2.68 46.85
N ALA B 179 -11.33 -2.99 45.93
CA ALA B 179 -11.67 -3.06 44.52
C ALA B 179 -12.50 -4.29 44.22
N ASN B 180 -12.14 -5.39 44.84
CA ASN B 180 -12.86 -6.64 44.65
C ASN B 180 -14.28 -6.45 45.15
N MET B 181 -14.39 -5.75 46.28
CA MET B 181 -15.69 -5.48 46.89
C MET B 181 -16.61 -4.71 45.95
N ALA B 182 -16.09 -3.62 45.38
CA ALA B 182 -16.85 -2.79 44.46
C ALA B 182 -17.19 -3.52 43.15
N ALA B 183 -16.32 -4.45 42.76
CA ALA B 183 -16.55 -5.19 41.52
C ALA B 183 -17.70 -6.16 41.67
N GLU B 184 -17.76 -6.82 42.84
CA GLU B 184 -18.82 -7.76 43.11
C GLU B 184 -20.17 -7.08 43.19
N SER B 185 -20.21 -5.90 43.79
CA SER B 185 -21.47 -5.18 43.89
C SER B 185 -21.89 -4.79 42.45
N ARG B 186 -20.92 -4.47 41.60
CA ARG B 186 -21.20 -4.08 40.22
C ARG B 186 -21.81 -5.26 39.44
N VAL B 187 -21.09 -6.38 39.42
CA VAL B 187 -21.54 -7.58 38.70
C VAL B 187 -22.88 -8.04 39.23
N GLY B 188 -22.96 -8.20 40.55
CA GLY B 188 -24.21 -8.64 41.18
C GLY B 188 -25.36 -7.73 40.83
N GLY B 189 -25.07 -6.43 40.72
CA GLY B 189 -26.08 -5.47 40.36
C GLY B 189 -26.58 -5.79 38.97
N LEU B 190 -25.66 -6.03 38.05
CA LEU B 190 -26.04 -6.35 36.69
C LEU B 190 -26.95 -7.57 36.65
N LEU B 191 -26.57 -8.62 37.37
CA LEU B 191 -27.34 -9.86 37.39
C LEU B 191 -28.72 -9.75 38.00
N GLY B 192 -28.86 -8.91 39.02
CA GLY B 192 -30.15 -8.75 39.68
C GLY B 192 -30.92 -7.49 39.32
N GLY B 193 -30.43 -6.76 38.34
CA GLY B 193 -31.10 -5.54 37.96
C GLY B 193 -31.08 -4.52 39.08
N LYS B 194 -29.96 -4.39 39.77
CA LYS B 194 -29.85 -3.42 40.85
C LYS B 194 -28.76 -2.42 40.48
N PRO B 195 -28.73 -1.26 41.15
CA PRO B 195 -27.72 -0.24 40.87
C PRO B 195 -26.31 -0.80 41.00
N GLY B 196 -26.13 -1.72 41.94
CA GLY B 196 -24.82 -2.33 42.16
C GLY B 196 -23.77 -1.29 42.52
N VAL B 197 -24.18 -0.33 43.33
CA VAL B 197 -23.31 0.75 43.73
C VAL B 197 -22.50 0.42 44.99
N THR B 198 -21.45 1.20 45.23
CA THR B 198 -20.61 1.05 46.41
C THR B 198 -20.65 2.40 47.08
N VAL B 199 -21.05 2.42 48.34
CA VAL B 199 -21.17 3.65 49.11
C VAL B 199 -20.09 3.73 50.14
N PHE B 200 -19.21 4.72 50.01
CA PHE B 200 -18.10 4.89 50.93
C PHE B 200 -18.39 5.86 52.04
N HIS B 201 -18.14 5.42 53.27
CA HIS B 201 -18.32 6.28 54.43
C HIS B 201 -17.02 7.04 54.58
N MET B 202 -17.05 8.32 54.27
CA MET B 202 -15.85 9.14 54.37
C MET B 202 -15.52 9.54 55.80
N GLY B 203 -14.26 9.38 56.17
CA GLY B 203 -13.81 9.75 57.50
C GLY B 203 -13.09 11.08 57.45
N ASP B 204 -12.12 11.27 58.35
CA ASP B 204 -11.40 12.53 58.36
C ASP B 204 -9.92 12.39 58.01
N SER B 205 -9.52 11.21 57.54
CA SER B 205 -8.12 11.01 57.17
C SER B 205 -7.74 12.01 56.10
N LYS B 206 -6.48 12.42 56.13
CA LYS B 206 -5.99 13.38 55.16
C LYS B 206 -6.05 12.80 53.75
N LYS B 207 -5.88 11.49 53.64
CA LYS B 207 -5.91 10.82 52.34
C LYS B 207 -7.25 11.03 51.59
N ALA B 208 -8.27 11.45 52.33
CA ALA B 208 -9.60 11.73 51.78
C ALA B 208 -10.13 10.69 50.79
N LEU B 209 -10.30 11.10 49.54
CA LEU B 209 -10.81 10.20 48.51
C LEU B 209 -9.71 9.34 47.87
N GLN B 210 -8.48 9.41 48.37
CA GLN B 210 -7.41 8.63 47.75
C GLN B 210 -7.75 7.16 47.52
N PRO B 211 -8.24 6.45 48.57
CA PRO B 211 -8.56 5.04 48.35
C PRO B 211 -9.41 4.80 47.09
N ILE B 212 -10.34 5.72 46.82
CA ILE B 212 -11.23 5.60 45.67
C ILE B 212 -10.50 5.71 44.34
N TYR B 213 -9.68 6.76 44.19
CA TYR B 213 -8.91 6.95 42.97
C TYR B 213 -8.02 5.75 42.72
N ASP B 214 -7.47 5.18 43.80
CA ASP B 214 -6.63 4.00 43.68
C ASP B 214 -7.44 2.84 43.13
N LEU B 215 -8.68 2.73 43.61
CA LEU B 215 -9.56 1.67 43.14
C LEU B 215 -9.77 1.78 41.63
N LEU B 216 -10.13 2.97 41.15
CA LEU B 216 -10.36 3.21 39.72
C LEU B 216 -9.13 2.78 38.92
N GLU B 217 -7.97 2.87 39.55
CA GLU B 217 -6.72 2.50 38.90
C GLU B 217 -6.58 0.98 38.90
N ASN B 218 -7.12 0.33 39.92
CA ASN B 218 -7.00 -1.12 40.05
C ASN B 218 -8.15 -1.99 39.59
N CYS B 219 -9.06 -1.44 38.78
CA CYS B 219 -10.18 -2.22 38.24
C CYS B 219 -11.00 -1.38 37.27
N ASP B 220 -12.09 -1.92 36.77
CA ASP B 220 -12.86 -1.15 35.81
C ASP B 220 -14.31 -0.85 36.16
N VAL B 221 -14.54 -0.67 37.46
CA VAL B 221 -15.88 -0.32 37.95
C VAL B 221 -16.09 1.12 37.50
N PRO B 222 -17.23 1.41 36.87
CA PRO B 222 -17.46 2.79 36.44
C PRO B 222 -17.48 3.74 37.63
N ILE B 223 -16.96 4.95 37.43
CA ILE B 223 -16.95 5.95 38.49
C ILE B 223 -18.37 6.35 38.91
N SER B 224 -19.37 6.01 38.10
CA SER B 224 -20.76 6.35 38.40
C SER B 224 -21.40 5.40 39.40
N LYS B 225 -20.62 4.43 39.86
CA LYS B 225 -21.10 3.44 40.81
C LYS B 225 -20.54 3.71 42.21
N LEU B 226 -19.49 4.52 42.29
CA LEU B 226 -18.88 4.83 43.58
C LEU B 226 -19.55 6.08 44.12
N LEU B 227 -19.90 6.04 45.40
CA LEU B 227 -20.57 7.15 46.02
C LEU B 227 -19.97 7.53 47.36
N PRO B 228 -19.18 8.60 47.38
CA PRO B 228 -18.61 8.96 48.69
C PRO B 228 -19.67 9.75 49.49
N THR B 229 -19.79 9.49 50.79
CA THR B 229 -20.78 10.17 51.63
C THR B 229 -20.14 10.99 52.74
N HIS B 230 -20.91 11.92 53.30
CA HIS B 230 -20.43 12.78 54.38
C HIS B 230 -19.32 13.66 53.83
N VAL B 231 -19.36 13.90 52.53
CA VAL B 231 -18.34 14.69 51.87
C VAL B 231 -18.11 16.06 52.48
N ASN B 232 -19.16 16.61 53.11
CA ASN B 232 -19.06 17.93 53.72
C ASN B 232 -18.63 17.90 55.19
N ARG B 233 -17.94 16.82 55.60
CA ARG B 233 -17.49 16.67 56.98
C ARG B 233 -16.20 17.42 57.30
N ASN B 234 -15.46 17.83 56.27
CA ASN B 234 -14.26 18.64 56.45
C ASN B 234 -13.95 19.29 55.09
N VAL B 235 -13.49 20.54 55.10
CA VAL B 235 -13.26 21.27 53.86
C VAL B 235 -12.42 20.63 52.76
N PRO B 236 -11.23 20.12 53.08
CA PRO B 236 -10.47 19.51 51.98
C PRO B 236 -11.09 18.24 51.38
N LEU B 237 -11.93 17.56 52.14
CA LEU B 237 -12.60 16.36 51.64
C LEU B 237 -13.74 16.85 50.74
N PHE B 238 -14.37 17.96 51.10
CA PHE B 238 -15.44 18.49 50.28
C PHE B 238 -14.86 19.06 49.00
N GLU B 239 -13.65 19.63 49.09
CA GLU B 239 -12.99 20.20 47.92
C GLU B 239 -12.77 19.07 46.93
N GLN B 240 -12.15 18.00 47.42
CA GLN B 240 -11.89 16.80 46.62
C GLN B 240 -13.18 16.19 46.12
N ALA B 241 -14.22 16.30 46.93
CA ALA B 241 -15.51 15.77 46.54
C ALA B 241 -15.95 16.46 45.25
N LEU B 242 -15.76 17.77 45.20
CA LEU B 242 -16.14 18.54 44.01
C LEU B 242 -15.34 18.06 42.80
N GLU B 243 -14.03 17.86 42.97
CA GLU B 243 -13.19 17.37 41.88
C GLU B 243 -13.68 16.00 41.41
N PHE B 244 -14.10 15.17 42.35
CA PHE B 244 -14.60 13.84 42.03
C PHE B 244 -15.84 13.92 41.14
N ALA B 245 -16.80 14.73 41.57
CA ALA B 245 -18.02 14.91 40.81
C ALA B 245 -17.70 15.41 39.40
N ARG B 246 -16.66 16.23 39.30
CA ARG B 246 -16.23 16.78 38.02
C ARG B 246 -15.80 15.68 37.06
N LYS B 247 -15.13 14.65 37.56
CA LYS B 247 -14.69 13.56 36.71
C LYS B 247 -15.82 12.57 36.40
N GLY B 248 -17.04 12.89 36.79
CA GLY B 248 -18.16 12.01 36.48
C GLY B 248 -18.89 11.37 37.65
N GLY B 249 -18.28 11.40 38.83
CA GLY B 249 -18.92 10.80 39.98
C GLY B 249 -20.06 11.63 40.52
N THR B 250 -20.89 10.99 41.32
CA THR B 250 -22.04 11.63 41.96
C THR B 250 -21.73 11.66 43.46
N ILE B 251 -21.68 12.85 44.07
CA ILE B 251 -21.39 12.92 45.50
C ILE B 251 -22.64 12.97 46.37
N ASP B 252 -22.47 12.57 47.62
CA ASP B 252 -23.59 12.54 48.55
C ASP B 252 -23.28 13.36 49.77
N ILE B 253 -24.06 14.41 49.98
CA ILE B 253 -23.92 15.29 51.13
C ILE B 253 -24.92 14.85 52.19
N THR B 254 -24.58 14.96 53.47
CA THR B 254 -25.51 14.57 54.53
C THR B 254 -26.00 15.80 55.27
N SER B 255 -27.32 15.96 55.30
CA SER B 255 -27.94 17.10 55.97
C SER B 255 -27.70 17.15 57.47
N SER B 256 -27.53 15.99 58.09
CA SER B 256 -27.31 15.92 59.54
C SER B 256 -26.04 16.60 60.04
N ILE B 257 -25.13 16.97 59.13
CA ILE B 257 -23.91 17.66 59.54
C ILE B 257 -23.96 19.11 59.04
N ASP B 258 -23.78 20.04 59.97
CA ASP B 258 -23.84 21.46 59.66
C ASP B 258 -22.50 22.17 59.44
N GLU B 259 -21.41 21.66 60.02
CA GLU B 259 -20.10 22.29 59.83
C GLU B 259 -19.11 21.23 59.36
N PRO B 260 -18.00 21.65 58.72
CA PRO B 260 -17.58 23.02 58.39
C PRO B 260 -18.17 23.46 57.04
N VAL B 261 -19.09 22.66 56.53
CA VAL B 261 -19.77 22.90 55.26
C VAL B 261 -21.21 22.46 55.48
N ALA B 262 -22.15 23.39 55.44
CA ALA B 262 -23.55 23.07 55.65
C ALA B 262 -24.14 22.37 54.43
N PRO B 263 -25.25 21.64 54.63
CA PRO B 263 -25.89 20.92 53.53
C PRO B 263 -26.17 21.88 52.38
N ALA B 264 -26.95 22.91 52.66
CA ALA B 264 -27.32 23.90 51.65
C ALA B 264 -26.08 24.50 51.00
N GLU B 265 -25.09 24.85 51.82
CA GLU B 265 -23.87 25.44 51.29
C GLU B 265 -23.13 24.43 50.42
N GLY B 266 -23.30 23.16 50.72
CA GLY B 266 -22.64 22.11 49.97
C GLY B 266 -23.22 21.91 48.59
N ILE B 267 -24.54 21.88 48.53
CA ILE B 267 -25.24 21.69 47.27
C ILE B 267 -25.01 22.95 46.42
N ALA B 268 -24.95 24.09 47.08
CA ALA B 268 -24.72 25.37 46.40
C ALA B 268 -23.31 25.46 45.83
N ARG B 269 -22.29 25.12 46.63
CA ARG B 269 -20.90 25.14 46.17
C ARG B 269 -20.71 24.22 44.97
N ALA B 270 -21.45 23.11 44.98
CA ALA B 270 -21.39 22.14 43.90
C ALA B 270 -21.81 22.78 42.57
N VAL B 271 -22.96 23.47 42.59
CA VAL B 271 -23.47 24.14 41.41
C VAL B 271 -22.43 25.15 40.97
N GLN B 272 -22.00 25.97 41.92
CA GLN B 272 -21.00 26.99 41.63
C GLN B 272 -19.75 26.39 41.01
N ALA B 273 -19.51 25.11 41.25
CA ALA B 273 -18.33 24.43 40.73
C ALA B 273 -18.61 23.82 39.37
N GLY B 274 -19.85 23.94 38.92
CA GLY B 274 -20.20 23.41 37.61
C GLY B 274 -20.58 21.94 37.58
N ILE B 275 -21.10 21.43 38.69
CA ILE B 275 -21.51 20.04 38.74
C ILE B 275 -22.99 20.01 38.45
N PRO B 276 -23.44 19.09 37.59
CA PRO B 276 -24.87 19.05 37.31
C PRO B 276 -25.55 18.55 38.57
N LEU B 277 -26.71 19.11 38.89
CA LEU B 277 -27.42 18.66 40.09
C LEU B 277 -27.66 17.15 40.05
N ALA B 278 -27.74 16.58 38.85
CA ALA B 278 -27.97 15.15 38.71
C ALA B 278 -26.93 14.31 39.43
N ARG B 279 -25.75 14.87 39.64
CA ARG B 279 -24.69 14.14 40.32
C ARG B 279 -24.43 14.66 41.74
N VAL B 280 -25.51 15.06 42.41
CA VAL B 280 -25.42 15.57 43.76
C VAL B 280 -26.65 15.10 44.55
N THR B 281 -26.41 14.27 45.56
CA THR B 281 -27.49 13.74 46.39
C THR B 281 -27.32 14.20 47.83
N LEU B 282 -28.44 14.28 48.54
CA LEU B 282 -28.45 14.68 49.94
C LEU B 282 -29.10 13.55 50.71
N SER B 283 -28.42 13.06 51.74
CA SER B 283 -28.95 11.98 52.56
C SER B 283 -28.98 12.51 54.00
N SER B 284 -29.68 11.80 54.89
CA SER B 284 -29.82 12.23 56.28
C SER B 284 -28.93 11.55 57.31
N ASP B 285 -28.54 10.31 57.04
CA ASP B 285 -27.73 9.56 58.01
C ASP B 285 -28.64 9.42 59.23
N GLY B 286 -29.93 9.21 59.00
CA GLY B 286 -30.89 9.07 60.07
C GLY B 286 -30.74 7.89 61.02
N ASN B 287 -31.07 8.15 62.28
CA ASN B 287 -31.04 7.19 63.38
C ASN B 287 -29.71 6.67 63.83
N GLY B 288 -28.64 7.22 63.29
CA GLY B 288 -27.32 6.78 63.71
C GLY B 288 -26.83 7.79 64.73
N SER B 289 -25.51 7.96 64.79
CA SER B 289 -24.89 8.92 65.71
C SER B 289 -23.40 8.64 65.74
N HIS B 301 -25.67 14.82 76.41
CA HIS B 301 -26.42 13.89 75.58
C HIS B 301 -25.51 13.15 74.61
N ILE B 302 -26.12 12.28 73.81
CA ILE B 302 -25.39 11.53 72.78
C ILE B 302 -26.27 11.72 71.54
N GLY B 303 -27.57 11.83 71.80
CA GLY B 303 -28.57 12.07 70.77
C GLY B 303 -28.59 11.31 69.46
N VAL B 304 -29.76 10.73 69.17
CA VAL B 304 -29.98 9.97 67.94
C VAL B 304 -30.41 10.90 66.80
N ALA B 305 -29.68 10.86 65.68
CA ALA B 305 -29.97 11.72 64.53
C ALA B 305 -31.38 11.56 63.94
N GLY B 306 -31.94 12.67 63.48
CA GLY B 306 -33.27 12.67 62.90
C GLY B 306 -33.33 13.01 61.43
N PHE B 307 -34.54 13.15 60.91
CA PHE B 307 -34.72 13.43 59.50
C PHE B 307 -35.18 14.84 59.12
N GLU B 308 -35.17 15.78 60.06
CA GLU B 308 -35.62 17.13 59.74
C GLU B 308 -34.69 17.91 58.81
N THR B 309 -33.38 17.89 59.08
CA THR B 309 -32.41 18.62 58.26
C THR B 309 -32.58 18.45 56.75
N LEU B 310 -33.34 17.45 56.33
CA LEU B 310 -33.54 17.26 54.90
C LEU B 310 -34.38 18.40 54.35
N LEU B 311 -35.61 18.52 54.84
CA LEU B 311 -36.51 19.58 54.38
C LEU B 311 -35.86 20.93 54.63
N GLU B 312 -35.16 21.03 55.75
CA GLU B 312 -34.50 22.27 56.12
C GLU B 312 -33.44 22.64 55.09
N THR B 313 -33.05 21.71 54.24
CA THR B 313 -32.03 22.04 53.24
C THR B 313 -32.75 22.64 52.05
N VAL B 314 -33.84 21.99 51.65
CA VAL B 314 -34.63 22.45 50.54
C VAL B 314 -35.06 23.89 50.82
N GLN B 315 -35.52 24.12 52.05
CA GLN B 315 -35.96 25.43 52.48
C GLN B 315 -34.86 26.48 52.39
N VAL B 316 -33.72 26.21 52.99
CA VAL B 316 -32.59 27.14 52.98
C VAL B 316 -32.07 27.36 51.56
N LEU B 317 -32.21 26.34 50.72
CA LEU B 317 -31.75 26.43 49.34
C LEU B 317 -32.59 27.45 48.58
N VAL B 318 -33.88 27.43 48.82
CA VAL B 318 -34.81 28.34 48.16
C VAL B 318 -34.88 29.72 48.83
N LYS B 319 -34.69 29.74 50.14
CA LYS B 319 -34.77 30.99 50.91
C LYS B 319 -33.49 31.80 51.12
N ASP B 320 -32.33 31.16 51.12
CA ASP B 320 -31.10 31.92 51.35
C ASP B 320 -30.06 31.77 50.26
N TYR B 321 -30.36 30.93 49.30
CA TYR B 321 -29.52 30.72 48.12
C TYR B 321 -30.63 30.95 47.10
N ASP B 322 -30.36 31.07 45.81
CA ASP B 322 -31.50 31.33 44.94
C ASP B 322 -32.12 30.17 44.21
N PHE B 323 -31.73 28.95 44.57
CA PHE B 323 -32.28 27.76 43.95
C PHE B 323 -33.79 27.85 43.75
N SER B 324 -34.28 27.31 42.64
CA SER B 324 -35.71 27.30 42.39
C SER B 324 -36.24 26.15 43.24
N ILE B 325 -37.55 26.14 43.49
CA ILE B 325 -38.12 25.05 44.26
C ILE B 325 -37.79 23.74 43.53
N SER B 326 -37.94 23.77 42.21
CA SER B 326 -37.65 22.63 41.36
C SER B 326 -36.21 22.09 41.53
N ASP B 327 -35.24 23.00 41.61
CA ASP B 327 -33.84 22.61 41.77
C ASP B 327 -33.51 22.05 43.15
N ALA B 328 -34.01 22.71 44.19
CA ALA B 328 -33.75 22.25 45.56
C ALA B 328 -34.30 20.85 45.78
N LEU B 329 -35.35 20.49 45.06
CA LEU B 329 -35.94 19.16 45.18
C LEU B 329 -35.09 18.06 44.55
N ARG B 330 -34.46 18.36 43.43
CA ARG B 330 -33.67 17.37 42.71
C ARG B 330 -32.73 16.48 43.52
N PRO B 331 -31.81 17.08 44.32
CA PRO B 331 -30.88 16.28 45.11
C PRO B 331 -31.49 15.36 46.17
N LEU B 332 -32.82 15.44 46.30
CA LEU B 332 -33.57 14.65 47.26
C LEU B 332 -34.60 13.79 46.53
N THR B 333 -34.77 14.04 45.22
CA THR B 333 -35.73 13.30 44.41
C THR B 333 -35.20 12.69 43.11
N SER B 334 -35.27 13.45 42.03
CA SER B 334 -34.80 12.97 40.72
C SER B 334 -33.34 12.51 40.69
N SER B 335 -32.48 13.20 41.43
CA SER B 335 -31.06 12.85 41.49
C SER B 335 -30.82 11.47 42.11
N VAL B 336 -31.48 11.23 43.24
CA VAL B 336 -31.31 9.98 43.95
C VAL B 336 -31.86 8.79 43.15
N ALA B 337 -33.10 8.93 42.68
CA ALA B 337 -33.72 7.86 41.92
C ALA B 337 -32.88 7.52 40.71
N GLY B 338 -32.25 8.54 40.14
CA GLY B 338 -31.42 8.37 38.97
C GLY B 338 -30.15 7.61 39.25
N PHE B 339 -29.48 7.94 40.35
CA PHE B 339 -28.24 7.27 40.74
C PHE B 339 -28.46 5.84 41.15
N LEU B 340 -29.60 5.57 41.77
CA LEU B 340 -29.92 4.23 42.23
C LEU B 340 -30.89 3.53 41.32
N ASN B 341 -31.07 4.06 40.12
CA ASN B 341 -31.98 3.49 39.17
C ASN B 341 -33.26 3.03 39.87
N LEU B 342 -33.85 3.92 40.64
CA LEU B 342 -35.09 3.59 41.33
C LEU B 342 -36.23 3.88 40.36
N THR B 343 -36.67 2.84 39.68
CA THR B 343 -37.75 2.91 38.71
C THR B 343 -39.02 3.45 39.37
N GLY B 344 -39.80 4.23 38.64
CA GLY B 344 -41.03 4.76 39.19
C GLY B 344 -40.88 5.69 40.38
N LYS B 345 -39.66 6.17 40.65
CA LYS B 345 -39.44 7.06 41.79
C LYS B 345 -38.82 8.40 41.42
N GLY B 346 -38.93 9.35 42.34
CA GLY B 346 -38.36 10.67 42.15
C GLY B 346 -39.00 11.52 41.06
N GLU B 347 -39.86 10.90 40.27
CA GLU B 347 -40.51 11.61 39.17
C GLU B 347 -42.01 11.44 39.22
N ILE B 348 -42.72 12.56 39.04
CA ILE B 348 -44.17 12.55 39.01
C ILE B 348 -44.61 12.69 37.57
N LEU B 349 -44.68 11.54 36.92
CA LEU B 349 -45.10 11.44 35.52
C LEU B 349 -46.00 10.21 35.47
N PRO B 350 -46.86 10.13 34.45
CA PRO B 350 -47.72 8.95 34.39
C PRO B 350 -46.88 7.67 34.43
N GLY B 351 -47.40 6.65 35.11
CA GLY B 351 -46.68 5.40 35.22
C GLY B 351 -45.99 5.26 36.55
N ASN B 352 -45.29 6.31 36.99
CA ASN B 352 -44.58 6.28 38.27
C ASN B 352 -45.50 6.04 39.47
N ASP B 353 -44.89 5.84 40.63
CA ASP B 353 -45.64 5.61 41.86
C ASP B 353 -46.16 6.90 42.45
N ALA B 354 -47.27 6.82 43.20
CA ALA B 354 -47.85 8.00 43.83
C ALA B 354 -47.15 8.42 45.12
N ASP B 355 -45.86 8.67 45.06
CA ASP B 355 -45.15 9.11 46.25
C ASP B 355 -45.06 10.62 46.13
N LEU B 356 -46.04 11.31 46.67
CA LEU B 356 -46.05 12.76 46.60
C LEU B 356 -46.24 13.38 47.97
N LEU B 357 -45.81 14.63 48.09
CA LEU B 357 -45.95 15.37 49.33
C LEU B 357 -46.79 16.59 49.05
N VAL B 358 -47.66 16.96 49.98
CA VAL B 358 -48.43 18.18 49.81
C VAL B 358 -47.75 19.15 50.76
N MET B 359 -47.45 20.35 50.28
CA MET B 359 -46.80 21.34 51.12
C MET B 359 -47.53 22.67 50.99
N THR B 360 -46.92 23.71 51.55
CA THR B 360 -47.47 25.05 51.47
C THR B 360 -46.42 25.81 50.67
N PRO B 361 -46.76 27.01 50.19
CA PRO B 361 -45.75 27.73 49.41
C PRO B 361 -44.50 28.06 50.23
N GLU B 362 -44.59 27.89 51.56
CA GLU B 362 -43.45 28.16 52.44
C GLU B 362 -42.62 26.87 52.59
N LEU B 363 -43.02 25.83 51.86
CA LEU B 363 -42.35 24.53 51.85
C LEU B 363 -42.36 23.80 53.18
N ARG B 364 -43.54 23.66 53.77
CA ARG B 364 -43.72 22.93 55.02
C ARG B 364 -44.74 21.86 54.67
N ILE B 365 -44.40 20.61 54.93
CA ILE B 365 -45.25 19.47 54.61
C ILE B 365 -46.61 19.49 55.31
N GLU B 366 -47.64 19.11 54.55
CA GLU B 366 -49.00 19.06 55.06
C GLU B 366 -49.51 17.65 54.92
N GLN B 367 -49.35 17.10 53.73
CA GLN B 367 -49.79 15.74 53.45
C GLN B 367 -48.67 14.95 52.78
N VAL B 368 -48.73 13.63 52.89
CA VAL B 368 -47.74 12.77 52.28
C VAL B 368 -48.43 11.53 51.75
N TYR B 369 -48.13 11.21 50.51
CA TYR B 369 -48.72 10.03 49.89
C TYR B 369 -47.64 9.05 49.48
N ALA B 370 -47.82 7.79 49.87
CA ALA B 370 -46.88 6.74 49.53
C ALA B 370 -47.67 5.65 48.84
N ARG B 371 -47.33 5.39 47.58
CA ARG B 371 -48.03 4.37 46.82
C ARG B 371 -49.53 4.50 46.93
N GLY B 372 -50.03 5.74 46.92
CA GLY B 372 -51.46 5.96 46.98
C GLY B 372 -52.15 6.09 48.33
N LYS B 373 -51.51 5.64 49.41
CA LYS B 373 -52.10 5.76 50.73
C LYS B 373 -51.70 7.09 51.35
N LEU B 374 -52.46 7.56 52.32
CA LEU B 374 -52.18 8.81 53.00
C LEU B 374 -51.41 8.51 54.29
N MET B 375 -50.14 8.86 54.31
CA MET B 375 -49.29 8.63 55.47
C MET B 375 -49.33 9.78 56.47
N VAL B 376 -49.46 10.99 55.93
CA VAL B 376 -49.49 12.19 56.76
C VAL B 376 -50.72 13.02 56.42
N LYS B 377 -51.69 13.07 57.34
CA LYS B 377 -52.93 13.82 57.11
C LYS B 377 -52.89 15.30 57.47
N ASP B 378 -52.18 15.67 58.53
CA ASP B 378 -52.11 17.08 58.89
C ASP B 378 -50.74 17.48 59.39
N GLY B 379 -49.71 16.82 58.87
CA GLY B 379 -48.37 17.11 59.32
C GLY B 379 -48.08 16.11 60.41
N LYS B 380 -49.07 15.27 60.69
CA LYS B 380 -48.97 14.23 61.70
C LYS B 380 -49.38 12.96 60.96
N ALA B 381 -48.71 11.85 61.26
CA ALA B 381 -48.96 10.58 60.60
C ALA B 381 -50.29 9.94 60.97
N CYS B 382 -51.08 9.56 59.96
CA CYS B 382 -52.34 8.90 60.20
C CYS B 382 -52.12 7.40 60.01
N VAL B 383 -50.88 7.05 59.67
CA VAL B 383 -50.44 5.66 59.48
C VAL B 383 -49.16 5.53 60.26
N LYS B 384 -49.00 4.43 61.00
CA LYS B 384 -47.78 4.25 61.80
C LYS B 384 -47.28 2.82 61.84
N GLY B 385 -46.09 2.64 62.40
CA GLY B 385 -45.51 1.31 62.54
C GLY B 385 -46.35 0.53 63.54
N THR B 386 -46.48 -0.78 63.31
CA THR B 386 -47.29 -1.64 64.17
C THR B 386 -47.15 -1.55 65.68
N PHE B 387 -46.06 -0.97 66.17
CA PHE B 387 -45.88 -0.83 67.63
C PHE B 387 -45.44 0.56 68.09
N GLU B 388 -45.74 1.59 67.30
CA GLU B 388 -45.34 2.95 67.64
C GLU B 388 -46.11 3.52 68.84
#